data_5FPD
#
_entry.id   5FPD
#
_cell.length_a   48.800
_cell.length_b   95.062
_cell.length_c   81.779
_cell.angle_alpha   90.00
_cell.angle_beta   90.03
_cell.angle_gamma   90.00
#
_symmetry.space_group_name_H-M   'P 1 21 1'
#
loop_
_entity.id
_entity.type
_entity.pdbx_description
1 polymer 'HEAT SHOCK-RELATED 70KDA PROTEIN 2'
2 non-polymer PYRAZINE-2-CARBOXAMIDE
3 water water
#
_entity_poly.entity_id   1
_entity_poly.type   'polypeptide(L)'
_entity_poly.pdbx_seq_one_letter_code
;GSHMRGPAIGIDLGTTYSCVGVFQHGKVEIIANDQGNRTTPSYVAFTDTERLIGDAAKNQVAMNPTNTIFDAKRLIGRKF
EDATVQSDMKHWPFRVVSEGGKPKVQVEYKGETKTFFPEEISSMVLTKMKEIAEAYLGGKVHSAVITVPAYFNDSQRQAT
KDAGTITGLNVLRIINEPTAAAIAYGLDKKGCAGGEKNVLIFDLGGGTFDVSILTIEDGIFEVKSTAGDTHLGGEDFDNR
MVSHLAEEFKRKHKKDIGPNKRAVRRLRTACERAKRTLSSSTQASIEIDSLYEGVDFYTSITRARFEELNADLFRGTLEP
VEKALRDAKLDKGQIQEIVLVGGSTRIPKIQKLLQDFFNGKELNKSINPDEAVAYGAAVQAAILIGD
;
_entity_poly.pdbx_strand_id   A,B
#
# COMPACT_ATOMS: atom_id res chain seq x y z
N GLY A 6 23.94 28.28 6.01
CA GLY A 6 22.56 27.99 5.62
C GLY A 6 22.41 26.70 4.81
N PRO A 7 21.19 26.38 4.34
CA PRO A 7 19.92 27.12 4.52
C PRO A 7 19.37 27.10 5.94
N ALA A 8 18.58 28.13 6.25
CA ALA A 8 17.85 28.24 7.51
C ALA A 8 16.55 27.44 7.46
N ILE A 9 16.50 26.23 8.06
CA ILE A 9 15.36 25.27 7.87
C ILE A 9 14.55 24.96 9.16
N GLY A 10 13.22 25.05 9.10
CA GLY A 10 12.39 24.68 10.23
C GLY A 10 11.53 23.48 9.92
N ILE A 11 11.42 22.55 10.86
CA ILE A 11 10.60 21.34 10.62
C ILE A 11 9.62 21.14 11.76
N ASP A 12 8.34 21.14 11.42
CA ASP A 12 7.24 20.66 12.24
C ASP A 12 7.17 19.16 12.02
N LEU A 13 7.65 18.38 12.96
CA LEU A 13 7.52 16.92 12.90
C LEU A 13 6.21 16.51 13.61
N GLY A 14 5.14 16.37 12.83
CA GLY A 14 3.82 16.25 13.42
C GLY A 14 3.38 14.82 13.59
N THR A 15 2.37 14.58 14.44
CA THR A 15 1.88 13.22 14.74
C THR A 15 1.41 12.49 13.46
N THR A 16 0.64 13.17 12.60
CA THR A 16 0.22 12.57 11.36
C THR A 16 0.70 13.29 10.10
N TYR A 17 1.01 14.63 10.18
CA TYR A 17 1.56 15.41 9.06
C TYR A 17 2.71 16.28 9.54
N SER A 18 3.69 16.48 8.67
CA SER A 18 4.89 17.29 8.91
C SER A 18 4.94 18.40 7.87
N CYS A 19 5.73 19.44 8.14
CA CYS A 19 5.79 20.64 7.32
C CYS A 19 7.22 21.17 7.43
N VAL A 20 7.79 21.65 6.34
CA VAL A 20 9.14 22.22 6.35
C VAL A 20 9.09 23.61 5.69
N GLY A 21 9.81 24.56 6.31
CA GLY A 21 9.94 25.91 5.77
C GLY A 21 11.40 26.32 5.72
N VAL A 22 11.70 27.26 4.85
CA VAL A 22 13.02 27.92 4.75
C VAL A 22 12.84 29.43 4.97
N PHE A 23 13.78 30.03 5.70
CA PHE A 23 13.88 31.47 5.80
C PHE A 23 14.96 31.98 4.82
N GLN A 24 14.52 32.77 3.82
CA GLN A 24 15.34 33.29 2.69
C GLN A 24 14.88 34.69 2.39
N HIS A 25 15.83 35.63 2.17
CA HIS A 25 15.53 37.04 1.83
C HIS A 25 14.55 37.67 2.82
N GLY A 26 14.78 37.43 4.10
CA GLY A 26 14.01 38.05 5.18
C GLY A 26 12.62 37.48 5.46
N LYS A 27 12.19 36.42 4.73
CA LYS A 27 10.83 35.85 4.85
C LYS A 27 10.78 34.30 4.77
N VAL A 28 9.72 33.69 5.32
CA VAL A 28 9.56 32.24 5.33
C VAL A 28 8.89 31.82 4.05
N GLU A 29 9.42 30.80 3.42
CA GLU A 29 8.74 30.09 2.34
C GLU A 29 8.46 28.69 2.86
N ILE A 30 7.20 28.31 2.86
CA ILE A 30 6.79 26.95 3.23
C ILE A 30 6.92 26.08 1.97
N ILE A 31 7.47 24.88 2.09
CA ILE A 31 7.90 24.12 0.90
C ILE A 31 6.94 22.98 0.53
N ALA A 32 6.40 23.04 -0.68
CA ALA A 32 5.54 21.96 -1.17
C ALA A 32 6.42 20.76 -1.54
N ASN A 33 5.88 19.56 -1.32
CA ASN A 33 6.56 18.30 -1.65
C ASN A 33 6.34 17.93 -3.16
N ASP A 34 6.78 16.73 -3.59
CA ASP A 34 6.77 16.37 -5.02
C ASP A 34 5.35 16.22 -5.61
N GLN A 35 4.33 16.04 -4.77
CA GLN A 35 2.93 15.98 -5.14
C GLN A 35 2.27 17.37 -5.01
N GLY A 36 3.07 18.40 -4.69
CA GLY A 36 2.58 19.76 -4.50
C GLY A 36 1.93 20.05 -3.16
N ASN A 37 2.07 19.14 -2.18
CA ASN A 37 1.43 19.32 -0.89
C ASN A 37 2.36 20.07 0.06
N ARG A 38 1.82 21.12 0.72
CA ARG A 38 2.59 21.98 1.62
C ARG A 38 2.79 21.31 2.99
N THR A 39 2.09 20.19 3.23
CA THR A 39 2.33 19.30 4.39
C THR A 39 2.44 17.88 3.90
N THR A 40 3.20 17.03 4.62
CA THR A 40 3.55 15.69 4.19
C THR A 40 3.13 14.68 5.30
N PRO A 41 2.40 13.60 4.98
CA PRO A 41 2.07 12.60 6.03
C PRO A 41 3.31 12.07 6.75
N SER A 42 3.26 11.97 8.08
CA SER A 42 4.36 11.40 8.88
C SER A 42 4.13 9.87 8.85
N TYR A 43 4.13 9.32 7.63
CA TYR A 43 3.78 7.91 7.41
C TYR A 43 4.97 7.22 6.79
N VAL A 44 5.23 5.99 7.22
CA VAL A 44 6.29 5.17 6.61
C VAL A 44 5.68 3.79 6.33
N ALA A 45 5.75 3.33 5.09
CA ALA A 45 5.20 2.01 4.73
C ALA A 45 6.33 1.09 4.27
N PHE A 46 6.23 -0.18 4.63
CA PHE A 46 7.15 -1.23 4.23
C PHE A 46 6.37 -2.16 3.35
N THR A 47 6.90 -2.45 2.16
CA THR A 47 6.24 -3.36 1.20
C THR A 47 7.14 -4.58 0.94
N ASP A 48 6.73 -5.47 0.03
CA ASP A 48 7.60 -6.57 -0.42
C ASP A 48 8.93 -6.09 -1.04
N THR A 49 9.01 -4.87 -1.56
CA THR A 49 10.23 -4.41 -2.25
C THR A 49 10.81 -3.10 -1.75
N GLU A 50 10.03 -2.27 -1.04
CA GLU A 50 10.53 -0.94 -0.73
C GLU A 50 9.91 -0.26 0.49
N ARG A 51 10.56 0.83 0.90
CA ARG A 51 10.13 1.68 1.99
C ARG A 51 9.53 2.93 1.32
N LEU A 52 8.25 3.23 1.61
CA LEU A 52 7.58 4.44 1.12
C LEU A 52 7.44 5.41 2.27
N ILE A 53 7.65 6.71 2.00
CA ILE A 53 7.52 7.75 3.01
C ILE A 53 6.63 8.84 2.48
N GLY A 54 5.77 9.35 3.38
CA GLY A 54 4.99 10.56 3.13
C GLY A 54 3.75 10.22 2.32
N ASP A 55 3.48 10.99 1.25
CA ASP A 55 2.30 10.79 0.42
C ASP A 55 2.15 9.38 -0.16
N ALA A 56 3.25 8.82 -0.69
CA ALA A 56 3.29 7.46 -1.22
C ALA A 56 2.89 6.43 -0.13
N ALA A 57 3.33 6.62 1.14
CA ALA A 57 2.99 5.73 2.26
C ALA A 57 1.49 5.90 2.63
N LYS A 58 1.03 7.14 2.88
CA LYS A 58 -0.38 7.39 3.19
C LYS A 58 -1.32 6.92 2.07
N ASN A 59 -0.95 7.09 0.79
CA ASN A 59 -1.78 6.68 -0.34
C ASN A 59 -2.02 5.19 -0.45
N GLN A 60 -1.14 4.32 0.13
CA GLN A 60 -1.41 2.86 0.09
C GLN A 60 -1.79 2.29 1.49
N VAL A 61 -2.12 3.15 2.47
CA VAL A 61 -2.39 2.74 3.84
C VAL A 61 -3.56 1.71 3.91
N ALA A 62 -4.63 1.88 3.09
CA ALA A 62 -5.81 0.97 3.14
C ALA A 62 -5.46 -0.41 2.62
N MET A 63 -4.51 -0.42 1.67
CA MET A 63 -4.06 -1.67 1.04
C MET A 63 -3.10 -2.42 1.92
N ASN A 64 -2.34 -1.71 2.77
CA ASN A 64 -1.22 -2.32 3.50
C ASN A 64 -1.22 -1.84 4.99
N PRO A 65 -2.37 -1.96 5.72
CA PRO A 65 -2.47 -1.31 7.05
C PRO A 65 -1.51 -1.84 8.12
N THR A 66 -1.19 -3.14 8.08
CA THR A 66 -0.33 -3.71 9.14
C THR A 66 1.13 -3.31 8.98
N ASN A 67 1.54 -2.81 7.77
CA ASN A 67 2.96 -2.49 7.51
C ASN A 67 3.20 -1.00 7.25
N THR A 68 2.18 -0.18 7.55
CA THR A 68 2.22 1.27 7.35
C THR A 68 2.16 1.97 8.69
N ILE A 69 3.27 2.56 9.10
CA ILE A 69 3.45 3.22 10.36
C ILE A 69 3.03 4.69 10.28
N PHE A 70 2.29 5.14 11.30
CA PHE A 70 1.99 6.54 11.58
C PHE A 70 1.98 6.63 13.10
N ASP A 71 1.87 7.87 13.66
CA ASP A 71 1.78 8.06 15.13
C ASP A 71 3.02 7.58 15.89
N ALA A 72 4.17 7.44 15.24
CA ALA A 72 5.44 7.14 15.95
C ALA A 72 5.74 8.22 17.02
N LYS A 73 5.24 9.46 16.80
CA LYS A 73 5.39 10.57 17.76
C LYS A 73 4.73 10.25 19.12
N ARG A 74 3.72 9.33 19.14
CA ARG A 74 3.05 8.95 20.37
C ARG A 74 3.92 7.95 21.16
N LEU A 75 4.91 7.33 20.50
CA LEU A 75 5.84 6.35 21.11
C LEU A 75 7.20 6.92 21.42
N ILE A 76 7.63 7.92 20.65
CA ILE A 76 9.04 8.38 20.73
C ILE A 76 9.43 8.81 22.18
N GLY A 77 10.58 8.36 22.67
CA GLY A 77 11.04 8.75 24.01
C GLY A 77 10.31 8.11 25.18
N ARG A 78 9.36 7.19 24.92
CA ARG A 78 8.55 6.57 26.00
C ARG A 78 9.02 5.12 26.26
N LYS A 79 8.57 4.50 27.36
CA LYS A 79 8.90 3.10 27.64
C LYS A 79 7.72 2.28 27.20
N PHE A 80 7.97 1.01 26.79
CA PHE A 80 6.90 0.13 26.31
C PHE A 80 5.79 -0.04 27.37
N GLU A 81 6.18 -0.10 28.66
CA GLU A 81 5.27 -0.27 29.81
C GLU A 81 4.40 0.96 30.12
N ASP A 82 4.72 2.15 29.52
CA ASP A 82 3.96 3.37 29.79
C ASP A 82 2.49 3.20 29.46
N ALA A 83 1.62 3.72 30.33
CA ALA A 83 0.16 3.59 30.21
C ALA A 83 -0.35 4.11 28.84
N THR A 84 0.14 5.29 28.38
CA THR A 84 -0.27 5.84 27.08
C THR A 84 0.08 4.87 25.91
N VAL A 85 1.27 4.25 25.95
CA VAL A 85 1.71 3.29 24.93
C VAL A 85 0.75 2.09 24.93
N GLN A 86 0.48 1.53 26.13
CA GLN A 86 -0.36 0.34 26.24
C GLN A 86 -1.78 0.64 25.80
N SER A 87 -2.25 1.84 26.07
CA SER A 87 -3.60 2.28 25.67
C SER A 87 -3.67 2.53 24.12
N ASP A 88 -2.69 3.28 23.58
CA ASP A 88 -2.59 3.59 22.16
C ASP A 88 -2.50 2.38 21.25
N MET A 89 -1.76 1.34 21.68
CA MET A 89 -1.52 0.09 20.96
C MET A 89 -2.83 -0.61 20.57
N LYS A 90 -3.85 -0.55 21.45
CA LYS A 90 -5.18 -1.14 21.21
C LYS A 90 -5.89 -0.56 19.99
N HIS A 91 -5.45 0.63 19.48
CA HIS A 91 -6.12 1.29 18.37
C HIS A 91 -5.28 1.27 17.07
N TRP A 92 -4.03 0.75 17.11
CA TRP A 92 -3.23 0.77 15.89
C TRP A 92 -3.38 -0.55 15.11
N PRO A 93 -3.36 -0.53 13.76
CA PRO A 93 -3.38 -1.79 12.99
C PRO A 93 -2.02 -2.51 12.89
N PHE A 94 -0.94 -1.78 13.16
CA PHE A 94 0.41 -2.36 13.19
C PHE A 94 0.76 -2.82 14.61
N ARG A 95 1.71 -3.73 14.70
CA ARG A 95 2.20 -4.36 15.94
C ARG A 95 3.29 -3.50 16.59
N VAL A 96 3.21 -3.41 17.92
CA VAL A 96 4.20 -2.72 18.73
C VAL A 96 4.76 -3.76 19.69
N VAL A 97 6.09 -3.88 19.76
CA VAL A 97 6.75 -4.89 20.60
C VAL A 97 7.75 -4.18 21.52
N SER A 98 8.38 -4.94 22.42
CA SER A 98 9.31 -4.39 23.41
C SER A 98 10.76 -4.87 23.15
N GLU A 99 11.74 -3.94 23.19
CA GLU A 99 13.15 -4.34 23.13
C GLU A 99 13.91 -3.54 24.18
N GLY A 100 14.50 -4.24 25.14
CA GLY A 100 15.13 -3.63 26.31
C GLY A 100 14.23 -2.63 27.02
N GLY A 101 12.92 -2.94 27.08
CA GLY A 101 11.88 -2.08 27.66
C GLY A 101 11.48 -0.88 26.80
N LYS A 102 12.00 -0.76 25.57
CA LYS A 102 11.60 0.35 24.69
C LYS A 102 10.61 -0.13 23.64
N PRO A 103 9.63 0.69 23.22
CA PRO A 103 8.71 0.23 22.17
C PRO A 103 9.39 0.28 20.81
N LYS A 104 9.00 -0.66 19.97
CA LYS A 104 9.39 -0.70 18.57
C LYS A 104 8.16 -1.09 17.75
N VAL A 105 8.00 -0.52 16.55
CA VAL A 105 6.98 -1.04 15.64
C VAL A 105 7.55 -2.29 14.98
N GLN A 106 6.69 -3.29 14.74
CA GLN A 106 7.11 -4.50 14.05
C GLN A 106 6.32 -4.62 12.74
N VAL A 107 7.03 -4.87 11.63
CA VAL A 107 6.44 -4.90 10.29
C VAL A 107 7.06 -6.04 9.50
N GLU A 108 6.44 -6.38 8.36
CA GLU A 108 7.00 -7.24 7.33
C GLU A 108 7.57 -6.30 6.26
N TYR A 109 8.77 -6.61 5.79
CA TYR A 109 9.51 -5.81 4.81
C TYR A 109 10.37 -6.79 4.07
N LYS A 110 10.25 -6.82 2.74
CA LYS A 110 11.03 -7.76 1.89
C LYS A 110 10.92 -9.21 2.38
N GLY A 111 9.72 -9.58 2.83
CA GLY A 111 9.41 -10.95 3.23
C GLY A 111 9.89 -11.36 4.62
N GLU A 112 10.43 -10.43 5.38
CA GLU A 112 10.94 -10.76 6.71
C GLU A 112 10.39 -9.80 7.77
N THR A 113 10.35 -10.27 9.02
CA THR A 113 9.97 -9.46 10.16
C THR A 113 11.08 -8.49 10.57
N LYS A 114 10.77 -7.19 10.61
CA LYS A 114 11.70 -6.16 11.08
C LYS A 114 11.07 -5.35 12.21
N THR A 115 11.94 -4.79 13.07
CA THR A 115 11.50 -3.89 14.13
C THR A 115 12.27 -2.59 14.02
N PHE A 116 11.58 -1.46 14.29
CA PHE A 116 12.15 -0.10 14.25
C PHE A 116 11.81 0.67 15.52
N PHE A 117 12.79 1.33 16.15
CA PHE A 117 12.54 2.27 17.23
C PHE A 117 11.73 3.45 16.70
N PRO A 118 10.94 4.17 17.54
CA PRO A 118 10.16 5.31 17.02
C PRO A 118 11.01 6.39 16.35
N GLU A 119 12.20 6.64 16.90
CA GLU A 119 13.14 7.61 16.33
C GLU A 119 13.69 7.16 14.98
N GLU A 120 13.75 5.82 14.73
CA GLU A 120 14.07 5.37 13.36
C GLU A 120 12.99 5.69 12.40
N ILE A 121 11.70 5.52 12.80
CA ILE A 121 10.61 5.85 11.84
C ILE A 121 10.61 7.38 11.64
N SER A 122 10.74 8.13 12.75
CA SER A 122 10.74 9.60 12.67
C SER A 122 11.94 10.12 11.84
N SER A 123 13.10 9.43 11.91
CA SER A 123 14.23 9.78 11.04
C SER A 123 13.89 9.62 9.56
N MET A 124 13.16 8.57 9.19
CA MET A 124 12.74 8.37 7.78
C MET A 124 11.82 9.51 7.33
N VAL A 125 10.87 9.92 8.20
CA VAL A 125 10.05 11.12 7.99
C VAL A 125 10.94 12.35 7.80
N LEU A 126 11.90 12.56 8.71
CA LEU A 126 12.74 13.77 8.61
C LEU A 126 13.60 13.76 7.36
N THR A 127 14.06 12.57 6.93
CA THR A 127 14.80 12.41 5.68
C THR A 127 13.95 12.91 4.51
N LYS A 128 12.69 12.49 4.45
CA LYS A 128 11.73 12.98 3.46
C LYS A 128 11.59 14.51 3.53
N MET A 129 11.40 15.07 4.74
CA MET A 129 11.33 16.53 4.86
C MET A 129 12.61 17.23 4.37
N LYS A 130 13.77 16.64 4.68
CA LYS A 130 15.06 17.16 4.25
C LYS A 130 15.17 17.12 2.72
N GLU A 131 14.80 16.00 2.06
CA GLU A 131 14.85 15.88 0.61
C GLU A 131 13.85 16.86 -0.05
N ILE A 132 12.70 17.09 0.62
CA ILE A 132 11.71 18.06 0.10
C ILE A 132 12.37 19.46 0.03
N ALA A 133 13.08 19.83 1.10
CA ALA A 133 13.74 21.15 1.16
C ALA A 133 14.92 21.20 0.13
N GLU A 134 15.65 20.07 -0.04
CA GLU A 134 16.75 20.05 -1.02
C GLU A 134 16.26 20.14 -2.47
N ALA A 135 15.13 19.48 -2.78
CA ALA A 135 14.53 19.63 -4.13
C ALA A 135 14.11 21.11 -4.37
N TYR A 136 13.59 21.79 -3.34
CA TYR A 136 13.21 23.20 -3.45
C TYR A 136 14.41 24.14 -3.59
N LEU A 137 15.48 23.90 -2.81
CA LEU A 137 16.60 24.84 -2.74
C LEU A 137 17.75 24.56 -3.67
N GLY A 138 17.98 23.27 -3.97
CA GLY A 138 19.23 22.77 -4.54
C GLY A 138 20.26 22.51 -3.45
N GLY A 139 21.29 21.73 -3.76
CA GLY A 139 22.35 21.41 -2.80
C GLY A 139 21.86 20.63 -1.58
N LYS A 140 22.52 20.81 -0.46
CA LYS A 140 22.22 20.01 0.73
C LYS A 140 21.72 20.90 1.84
N VAL A 141 20.87 20.35 2.67
CA VAL A 141 20.46 20.95 3.93
C VAL A 141 21.34 20.32 5.03
N HIS A 142 21.93 21.15 5.89
CA HIS A 142 22.79 20.69 6.99
C HIS A 142 22.07 20.74 8.33
N SER A 143 21.26 21.78 8.55
CA SER A 143 20.80 22.09 9.91
C SER A 143 19.28 22.32 9.89
N ALA A 144 18.64 22.14 11.05
CA ALA A 144 17.21 22.46 11.22
C ALA A 144 16.90 22.72 12.66
N VAL A 145 15.90 23.57 12.87
CA VAL A 145 15.18 23.61 14.13
C VAL A 145 14.00 22.64 14.00
N ILE A 146 13.82 21.75 14.99
CA ILE A 146 12.70 20.81 14.97
C ILE A 146 11.82 21.06 16.20
N THR A 147 10.49 20.99 16.03
CA THR A 147 9.59 21.38 17.11
C THR A 147 9.04 20.14 17.78
N VAL A 148 8.62 20.29 19.06
CA VAL A 148 7.97 19.20 19.83
C VAL A 148 6.85 19.81 20.66
N PRO A 149 5.89 19.00 21.13
CA PRO A 149 4.90 19.52 22.09
C PRO A 149 5.52 20.06 23.38
N ALA A 150 4.92 21.11 23.91
CA ALA A 150 5.35 21.80 25.14
C ALA A 150 5.42 20.81 26.31
N TYR A 151 4.56 19.78 26.31
CA TYR A 151 4.53 18.79 27.37
C TYR A 151 5.57 17.67 27.19
N PHE A 152 6.31 17.63 26.07
CA PHE A 152 7.37 16.61 25.92
C PHE A 152 8.42 16.70 27.03
N ASN A 153 8.85 15.56 27.57
CA ASN A 153 9.84 15.57 28.63
C ASN A 153 11.22 15.42 27.93
N ASP A 154 12.30 15.34 28.70
CA ASP A 154 13.64 15.34 28.12
C ASP A 154 13.92 14.10 27.32
N SER A 155 13.39 12.95 27.77
CA SER A 155 13.52 11.71 26.99
C SER A 155 12.83 11.82 25.61
N GLN A 156 11.64 12.42 25.55
CA GLN A 156 10.95 12.59 24.27
C GLN A 156 11.71 13.60 23.38
N ARG A 157 12.26 14.69 23.99
CA ARG A 157 13.04 15.72 23.29
C ARG A 157 14.31 15.10 22.68
N GLN A 158 15.06 14.33 23.50
CA GLN A 158 16.30 13.70 23.08
C GLN A 158 16.05 12.67 21.99
N ALA A 159 14.95 11.87 22.11
CA ALA A 159 14.66 10.84 21.08
C ALA A 159 14.30 11.50 19.73
N THR A 160 13.61 12.66 19.80
CA THR A 160 13.32 13.48 18.60
C THR A 160 14.63 13.99 17.99
N LYS A 161 15.54 14.49 18.83
CA LYS A 161 16.85 14.94 18.38
C LYS A 161 17.61 13.82 17.73
N ASP A 162 17.56 12.61 18.35
CA ASP A 162 18.19 11.40 17.79
C ASP A 162 17.68 11.07 16.43
N ALA A 163 16.35 11.24 16.19
CA ALA A 163 15.81 11.08 14.84
C ALA A 163 16.49 12.04 13.86
N GLY A 164 16.69 13.30 14.26
CA GLY A 164 17.40 14.27 13.41
C GLY A 164 18.85 13.89 13.15
N THR A 165 19.52 13.36 14.18
CA THR A 165 20.92 12.90 14.11
C THR A 165 21.06 11.74 13.15
N ILE A 166 20.15 10.76 13.24
CA ILE A 166 20.20 9.58 12.36
C ILE A 166 20.03 10.03 10.88
N THR A 167 19.17 11.02 10.66
CA THR A 167 18.87 11.60 9.35
C THR A 167 20.12 12.35 8.82
N GLY A 168 21.02 12.76 9.72
CA GLY A 168 22.22 13.50 9.34
C GLY A 168 21.92 14.98 9.31
N LEU A 169 21.01 15.46 10.18
CA LEU A 169 20.81 16.90 10.40
C LEU A 169 21.51 17.36 11.67
N ASN A 170 22.12 18.55 11.61
CA ASN A 170 22.53 19.24 12.83
C ASN A 170 21.28 19.86 13.44
N VAL A 171 20.85 19.38 14.64
CA VAL A 171 19.62 19.92 15.23
C VAL A 171 20.06 21.15 16.03
N LEU A 172 19.79 22.34 15.46
CA LEU A 172 20.20 23.62 16.06
C LEU A 172 19.54 23.79 17.43
N ARG A 173 18.26 23.44 17.52
CA ARG A 173 17.53 23.49 18.78
C ARG A 173 16.26 22.72 18.63
N ILE A 174 15.78 22.11 19.72
CA ILE A 174 14.41 21.59 19.86
C ILE A 174 13.62 22.69 20.57
N ILE A 175 12.57 23.19 19.89
CA ILE A 175 11.73 24.24 20.52
C ILE A 175 10.29 23.75 20.62
N ASN A 176 9.52 24.29 21.54
CA ASN A 176 8.10 23.92 21.67
C ASN A 176 7.27 24.39 20.49
N GLU A 177 6.36 23.55 20.04
CA GLU A 177 5.39 23.91 19.00
C GLU A 177 4.63 25.23 19.27
N PRO A 178 4.00 25.45 20.47
CA PRO A 178 3.35 26.76 20.71
C PRO A 178 4.31 27.93 20.65
N THR A 179 5.55 27.75 21.11
CA THR A 179 6.56 28.82 21.02
C THR A 179 6.86 29.17 19.56
N ALA A 180 7.02 28.15 18.68
CA ALA A 180 7.29 28.34 17.28
C ALA A 180 6.13 29.10 16.61
N ALA A 181 4.89 28.78 16.95
CA ALA A 181 3.71 29.51 16.45
C ALA A 181 3.72 30.97 16.89
N ALA A 182 4.09 31.24 18.17
CA ALA A 182 4.17 32.64 18.64
C ALA A 182 5.28 33.41 17.89
N ILE A 183 6.39 32.74 17.63
CA ILE A 183 7.49 33.28 16.84
C ILE A 183 7.08 33.65 15.41
N ALA A 184 6.36 32.74 14.74
CA ALA A 184 5.79 32.97 13.38
C ALA A 184 5.03 34.29 13.32
N TYR A 185 4.23 34.59 14.36
CA TYR A 185 3.48 35.87 14.43
C TYR A 185 4.32 37.04 14.97
N GLY A 186 5.62 36.83 15.23
CA GLY A 186 6.48 37.91 15.73
C GLY A 186 6.06 38.39 17.11
N LEU A 187 5.45 37.51 17.94
CA LEU A 187 4.87 37.97 19.20
C LEU A 187 5.92 38.33 20.26
N ASP A 188 7.14 37.84 20.07
CA ASP A 188 8.28 38.18 20.91
C ASP A 188 8.87 39.57 20.58
N LYS A 189 8.54 40.12 19.39
CA LYS A 189 9.01 41.42 18.92
C LYS A 189 7.89 42.46 18.97
N LYS A 190 6.61 42.00 19.04
CA LYS A 190 5.44 42.85 19.03
C LYS A 190 5.34 43.65 20.33
N GLY A 194 9.64 45.96 27.09
CA GLY A 194 8.34 46.39 26.60
C GLY A 194 7.16 45.56 27.07
N GLY A 195 7.32 44.87 28.20
CA GLY A 195 6.21 44.21 28.88
C GLY A 195 6.08 42.71 28.65
N GLU A 196 5.29 42.07 29.50
CA GLU A 196 4.99 40.65 29.40
C GLU A 196 3.69 40.47 28.61
N LYS A 197 3.61 39.40 27.84
CA LYS A 197 2.43 39.07 27.07
C LYS A 197 2.04 37.67 27.43
N ASN A 198 0.76 37.47 27.80
CA ASN A 198 0.17 36.15 27.94
C ASN A 198 -0.45 35.77 26.60
N VAL A 199 -0.03 34.62 26.07
CA VAL A 199 -0.38 34.15 24.73
C VAL A 199 -1.03 32.80 24.88
N LEU A 200 -2.21 32.65 24.30
CA LEU A 200 -2.85 31.34 24.24
C LEU A 200 -2.72 30.75 22.83
N ILE A 201 -2.17 29.55 22.74
CA ILE A 201 -2.06 28.82 21.48
C ILE A 201 -3.16 27.73 21.46
N PHE A 202 -3.99 27.77 20.46
CA PHE A 202 -5.12 26.81 20.34
C PHE A 202 -4.79 25.98 19.08
N ASP A 203 -4.37 24.75 19.31
CA ASP A 203 -3.77 23.94 18.25
C ASP A 203 -4.63 22.71 18.06
N LEU A 204 -5.47 22.75 17.03
CA LEU A 204 -6.40 21.65 16.80
C LEU A 204 -6.08 21.00 15.46
N GLY A 205 -5.57 19.77 15.55
CA GLY A 205 -4.98 19.04 14.43
C GLY A 205 -5.93 18.00 13.92
N GLY A 206 -5.40 17.07 13.10
CA GLY A 206 -6.18 15.92 12.63
C GLY A 206 -6.60 14.94 13.74
N GLY A 207 -5.76 14.75 14.76
CA GLY A 207 -6.03 13.77 15.83
C GLY A 207 -5.52 14.17 17.21
N THR A 208 -5.11 15.45 17.35
CA THR A 208 -4.68 15.98 18.66
C THR A 208 -5.21 17.39 18.87
N PHE A 209 -5.50 17.70 20.13
CA PHE A 209 -5.85 19.06 20.52
C PHE A 209 -4.97 19.55 21.69
N ASP A 210 -4.19 20.61 21.45
CA ASP A 210 -3.27 21.17 22.46
C ASP A 210 -3.59 22.61 22.71
N VAL A 211 -3.88 22.96 23.98
CA VAL A 211 -3.97 24.38 24.38
C VAL A 211 -2.73 24.68 25.24
N SER A 212 -1.99 25.75 24.90
CA SER A 212 -0.86 26.16 25.70
C SER A 212 -0.96 27.61 26.06
N ILE A 213 -0.65 27.92 27.30
CA ILE A 213 -0.52 29.33 27.69
C ILE A 213 0.95 29.67 27.91
N LEU A 214 1.46 30.66 27.16
CA LEU A 214 2.86 31.11 27.30
C LEU A 214 2.89 32.55 27.81
N THR A 215 3.94 32.92 28.54
CA THR A 215 4.27 34.35 28.69
C THR A 215 5.51 34.67 27.85
N ILE A 216 5.56 35.88 27.28
CA ILE A 216 6.67 36.33 26.45
C ILE A 216 7.07 37.68 26.94
N GLU A 217 8.35 37.81 27.28
CA GLU A 217 8.88 39.05 27.80
C GLU A 217 10.32 39.17 27.42
N ASP A 218 10.63 40.29 26.73
CA ASP A 218 12.00 40.55 26.24
C ASP A 218 12.56 39.29 25.54
N GLY A 219 11.76 38.73 24.64
CA GLY A 219 12.13 37.56 23.86
C GLY A 219 12.27 36.23 24.60
N ILE A 220 11.94 36.19 25.92
CA ILE A 220 12.01 34.95 26.72
C ILE A 220 10.60 34.33 26.80
N PHE A 221 10.47 33.04 26.46
CA PHE A 221 9.20 32.28 26.53
C PHE A 221 9.17 31.41 27.76
N GLU A 222 8.05 31.40 28.46
CA GLU A 222 7.85 30.46 29.55
C GLU A 222 6.47 29.80 29.34
N VAL A 223 6.40 28.46 29.43
CA VAL A 223 5.12 27.73 29.42
C VAL A 223 4.47 27.84 30.80
N LYS A 224 3.28 28.43 30.85
CA LYS A 224 2.53 28.58 32.10
C LYS A 224 1.56 27.43 32.34
N SER A 225 0.95 26.88 31.28
CA SER A 225 0.02 25.75 31.46
C SER A 225 -0.20 25.08 30.13
N THR A 226 -0.60 23.82 30.18
CA THR A 226 -0.93 23.08 28.96
C THR A 226 -2.19 22.32 29.27
N ALA A 227 -3.04 22.11 28.27
CA ALA A 227 -4.25 21.29 28.43
C ALA A 227 -4.63 20.80 27.07
N GLY A 228 -5.62 19.93 27.00
CA GLY A 228 -6.19 19.50 25.75
C GLY A 228 -6.68 18.09 25.79
N ASP A 229 -6.60 17.44 24.64
CA ASP A 229 -7.09 16.06 24.47
C ASP A 229 -6.19 15.42 23.39
N THR A 230 -5.39 14.44 23.76
CA THR A 230 -4.44 13.80 22.83
C THR A 230 -5.14 12.91 21.78
N HIS A 231 -6.48 12.75 21.86
CA HIS A 231 -7.20 11.88 20.92
C HIS A 231 -8.45 12.60 20.40
N LEU A 232 -8.35 13.89 20.14
CA LEU A 232 -9.44 14.65 19.53
C LEU A 232 -8.85 15.43 18.42
N GLY A 233 -9.44 15.33 17.23
CA GLY A 233 -9.04 16.21 16.15
C GLY A 233 -10.03 16.18 15.01
N GLY A 234 -9.57 16.66 13.86
CA GLY A 234 -10.34 16.72 12.62
C GLY A 234 -10.95 15.40 12.19
N GLU A 235 -10.26 14.29 12.46
CA GLU A 235 -10.79 12.95 12.10
C GLU A 235 -12.12 12.63 12.81
N ASP A 236 -12.29 13.15 14.03
CA ASP A 236 -13.53 12.99 14.83
C ASP A 236 -14.72 13.68 14.16
N PHE A 237 -14.49 14.87 13.59
CA PHE A 237 -15.48 15.62 12.83
C PHE A 237 -15.89 14.85 11.58
N ASP A 238 -14.90 14.34 10.81
CA ASP A 238 -15.13 13.51 9.63
C ASP A 238 -16.00 12.30 9.97
N ASN A 239 -15.68 11.61 11.08
CA ASN A 239 -16.45 10.44 11.53
C ASN A 239 -17.93 10.80 11.74
N ARG A 240 -18.22 11.99 12.29
CA ARG A 240 -19.63 12.43 12.47
C ARG A 240 -20.32 12.59 11.12
N MET A 241 -19.60 13.17 10.14
CA MET A 241 -20.13 13.26 8.78
C MET A 241 -20.34 11.87 8.14
N VAL A 242 -19.43 10.92 8.37
CA VAL A 242 -19.53 9.54 7.84
C VAL A 242 -20.81 8.86 8.30
N SER A 243 -21.09 8.84 9.63
CA SER A 243 -22.29 8.23 10.20
C SER A 243 -23.55 8.88 9.61
N HIS A 244 -23.53 10.22 9.46
CA HIS A 244 -24.68 10.94 8.93
C HIS A 244 -25.00 10.47 7.48
N LEU A 245 -23.96 10.47 6.62
CA LEU A 245 -24.15 10.19 5.19
C LEU A 245 -24.32 8.70 4.94
N ALA A 246 -23.75 7.84 5.79
CA ALA A 246 -24.02 6.39 5.67
C ALA A 246 -25.53 6.11 5.93
N GLU A 247 -26.12 6.80 6.93
CA GLU A 247 -27.56 6.67 7.22
C GLU A 247 -28.39 7.21 6.05
N GLU A 248 -27.91 8.25 5.41
CA GLU A 248 -28.61 8.85 4.28
C GLU A 248 -28.62 7.81 3.16
N PHE A 249 -27.43 7.23 2.85
CA PHE A 249 -27.30 6.21 1.83
C PHE A 249 -28.24 5.03 2.11
N LYS A 250 -28.35 4.63 3.39
CA LYS A 250 -29.25 3.55 3.80
C LYS A 250 -30.72 3.95 3.55
N ARG A 251 -31.09 5.17 3.92
CA ARG A 251 -32.44 5.70 3.75
C ARG A 251 -32.85 5.77 2.26
N LYS A 252 -31.94 6.20 1.37
CA LYS A 252 -32.21 6.38 -0.07
C LYS A 252 -32.13 5.09 -0.92
N HIS A 253 -31.28 4.13 -0.52
CA HIS A 253 -31.00 2.95 -1.33
C HIS A 253 -31.21 1.63 -0.60
N LYS A 254 -31.60 1.66 0.69
CA LYS A 254 -31.88 0.47 1.53
C LYS A 254 -30.69 -0.49 1.54
N LYS A 255 -29.46 0.07 1.47
CA LYS A 255 -28.19 -0.64 1.50
C LYS A 255 -27.38 -0.10 2.70
N ASP A 256 -27.01 -1.00 3.62
CA ASP A 256 -26.22 -0.67 4.79
C ASP A 256 -24.74 -0.92 4.43
N ILE A 257 -23.95 0.14 4.34
CA ILE A 257 -22.52 0.04 4.03
C ILE A 257 -21.67 -0.29 5.23
N GLY A 258 -22.26 -0.21 6.43
CA GLY A 258 -21.55 -0.41 7.69
C GLY A 258 -20.63 -1.64 7.78
N PRO A 259 -21.10 -2.85 7.38
CA PRO A 259 -20.19 -4.02 7.41
C PRO A 259 -19.11 -4.06 6.32
N ASN A 260 -19.10 -3.10 5.39
CA ASN A 260 -18.17 -3.14 4.26
C ASN A 260 -17.07 -2.10 4.45
N LYS A 261 -15.85 -2.57 4.77
CA LYS A 261 -14.84 -1.58 5.19
C LYS A 261 -14.34 -0.71 4.02
N ARG A 262 -14.36 -1.20 2.74
CA ARG A 262 -13.97 -0.35 1.60
C ARG A 262 -15.02 0.78 1.40
N ALA A 263 -16.32 0.43 1.49
CA ALA A 263 -17.35 1.46 1.31
C ALA A 263 -17.29 2.56 2.39
N VAL A 264 -17.04 2.17 3.66
CA VAL A 264 -16.90 3.14 4.78
C VAL A 264 -15.66 4.03 4.56
N ARG A 265 -14.53 3.41 4.15
CA ARG A 265 -13.27 4.15 3.93
C ARG A 265 -13.43 5.20 2.79
N ARG A 266 -14.09 4.82 1.68
CA ARG A 266 -14.38 5.73 0.57
C ARG A 266 -15.35 6.83 0.98
N LEU A 267 -16.38 6.51 1.80
CA LEU A 267 -17.25 7.56 2.34
C LEU A 267 -16.40 8.52 3.20
N ARG A 268 -15.53 7.97 4.04
CA ARG A 268 -14.66 8.78 4.91
C ARG A 268 -13.77 9.75 4.11
N THR A 269 -13.17 9.27 3.00
CA THR A 269 -12.33 10.07 2.09
C THR A 269 -13.13 11.25 1.54
N ALA A 270 -14.32 10.98 0.99
CA ALA A 270 -15.24 12.02 0.53
C ALA A 270 -15.57 13.02 1.65
N CYS A 271 -15.86 12.54 2.88
CA CYS A 271 -16.20 13.41 4.01
C CYS A 271 -15.07 14.32 4.43
N GLU A 272 -13.84 13.79 4.43
CA GLU A 272 -12.64 14.59 4.74
C GLU A 272 -12.55 15.78 3.78
N ARG A 273 -12.77 15.53 2.49
CA ARG A 273 -12.67 16.59 1.44
C ARG A 273 -13.84 17.56 1.57
N ALA A 274 -15.06 17.04 1.76
CA ALA A 274 -16.25 17.89 1.98
C ALA A 274 -16.03 18.84 3.16
N LYS A 275 -15.54 18.29 4.29
CA LYS A 275 -15.24 19.11 5.46
C LYS A 275 -14.28 20.29 5.14
N ARG A 276 -13.20 20.03 4.37
CA ARG A 276 -12.28 21.12 3.96
C ARG A 276 -13.00 22.24 3.18
N THR A 277 -13.81 21.86 2.20
CA THR A 277 -14.64 22.77 1.41
C THR A 277 -15.58 23.61 2.29
N LEU A 278 -16.11 23.01 3.35
CA LEU A 278 -17.04 23.68 4.27
C LEU A 278 -16.37 24.75 5.16
N SER A 279 -15.03 24.82 5.21
CA SER A 279 -14.39 25.95 5.92
C SER A 279 -14.37 27.20 5.04
N SER A 280 -14.61 27.06 3.69
CA SER A 280 -14.68 28.25 2.84
C SER A 280 -16.01 28.42 2.05
N SER A 281 -16.83 27.37 1.93
CA SER A 281 -18.13 27.42 1.24
C SER A 281 -19.18 26.92 2.21
N THR A 282 -20.46 27.26 1.97
CA THR A 282 -21.55 26.86 2.89
C THR A 282 -22.16 25.49 2.50
N GLN A 283 -21.65 24.87 1.43
CA GLN A 283 -22.08 23.55 0.94
C GLN A 283 -20.91 22.86 0.24
N ALA A 284 -20.94 21.53 0.21
CA ALA A 284 -19.92 20.71 -0.45
C ALA A 284 -20.65 19.56 -1.14
N SER A 285 -20.16 19.11 -2.28
CA SER A 285 -20.77 18.00 -3.00
C SER A 285 -19.93 16.71 -2.85
N ILE A 286 -20.60 15.60 -2.57
CA ILE A 286 -20.01 14.25 -2.45
C ILE A 286 -20.31 13.57 -3.79
N GLU A 287 -19.30 12.99 -4.45
CA GLU A 287 -19.50 12.37 -5.76
C GLU A 287 -18.81 11.01 -5.79
N ILE A 288 -19.41 10.01 -5.16
CA ILE A 288 -18.81 8.67 -5.16
C ILE A 288 -19.42 7.76 -6.20
N ASP A 289 -18.60 7.27 -7.12
CA ASP A 289 -19.06 6.32 -8.11
C ASP A 289 -19.09 4.92 -7.53
N SER A 290 -20.19 4.16 -7.78
CA SER A 290 -20.29 2.75 -7.36
C SER A 290 -19.86 2.56 -5.88
N LEU A 291 -20.54 3.27 -4.96
CA LEU A 291 -20.25 3.11 -3.55
C LEU A 291 -20.56 1.69 -3.05
N TYR A 292 -21.69 1.12 -3.49
CA TYR A 292 -22.09 -0.18 -2.94
C TYR A 292 -23.03 -0.86 -3.94
N GLU A 293 -22.66 -2.06 -4.40
CA GLU A 293 -23.45 -2.85 -5.38
C GLU A 293 -23.76 -2.04 -6.65
N GLY A 294 -22.75 -1.35 -7.17
CA GLY A 294 -22.81 -0.55 -8.37
C GLY A 294 -23.62 0.73 -8.27
N VAL A 295 -24.13 1.06 -7.06
CA VAL A 295 -24.95 2.25 -6.79
C VAL A 295 -24.06 3.45 -6.48
N ASP A 296 -24.22 4.54 -7.24
CA ASP A 296 -23.49 5.79 -7.02
C ASP A 296 -24.01 6.51 -5.77
N PHE A 297 -23.13 7.25 -5.10
CA PHE A 297 -23.58 8.15 -4.04
C PHE A 297 -23.15 9.55 -4.37
N TYR A 298 -24.07 10.32 -4.95
CA TYR A 298 -23.91 11.74 -5.25
C TYR A 298 -24.87 12.49 -4.33
N THR A 299 -24.33 13.42 -3.54
CA THR A 299 -25.16 14.19 -2.61
C THR A 299 -24.47 15.47 -2.23
N SER A 300 -25.12 16.28 -1.39
CA SER A 300 -24.52 17.52 -0.92
C SER A 300 -24.77 17.71 0.56
N ILE A 301 -23.90 18.43 1.21
CA ILE A 301 -24.00 18.67 2.65
C ILE A 301 -23.73 20.14 2.91
N THR A 302 -24.48 20.74 3.83
CA THR A 302 -24.34 22.16 4.16
C THR A 302 -23.38 22.31 5.35
N ARG A 303 -22.82 23.51 5.50
CA ARG A 303 -22.05 23.87 6.69
C ARG A 303 -22.91 23.76 7.96
N ALA A 304 -24.17 24.23 7.90
CA ALA A 304 -25.04 24.20 9.09
C ALA A 304 -25.28 22.76 9.58
N ARG A 305 -25.53 21.82 8.64
CA ARG A 305 -25.63 20.39 8.96
C ARG A 305 -24.29 19.87 9.61
N PHE A 306 -23.13 20.14 8.96
CA PHE A 306 -21.80 19.77 9.54
C PHE A 306 -21.61 20.33 10.95
N GLU A 307 -22.03 21.60 11.18
CA GLU A 307 -21.87 22.17 12.52
C GLU A 307 -22.77 21.48 13.54
N GLU A 308 -24.01 21.16 13.15
CA GLU A 308 -24.94 20.45 14.01
C GLU A 308 -24.42 19.06 14.43
N LEU A 309 -23.88 18.28 13.46
CA LEU A 309 -23.40 16.90 13.70
C LEU A 309 -22.22 16.91 14.69
N ASN A 310 -21.57 18.08 14.82
CA ASN A 310 -20.38 18.28 15.63
C ASN A 310 -20.57 19.26 16.82
N ALA A 311 -21.81 19.56 17.21
CA ALA A 311 -22.11 20.56 18.26
C ALA A 311 -21.33 20.36 19.59
N ASP A 312 -21.36 19.14 20.12
CA ASP A 312 -20.60 18.78 21.33
C ASP A 312 -19.09 18.95 21.14
N LEU A 313 -18.54 18.44 20.01
CA LEU A 313 -17.08 18.40 19.82
C LEU A 313 -16.50 19.79 19.65
N PHE A 314 -17.23 20.67 18.96
CA PHE A 314 -16.76 22.05 18.74
C PHE A 314 -16.86 22.86 20.03
N ARG A 315 -18.02 22.82 20.72
CA ARG A 315 -18.17 23.57 21.98
C ARG A 315 -17.19 23.03 23.05
N GLY A 316 -17.00 21.72 23.06
CA GLY A 316 -16.11 21.06 24.01
C GLY A 316 -14.66 21.52 23.96
N THR A 317 -14.19 22.13 22.83
CA THR A 317 -12.82 22.66 22.73
C THR A 317 -12.57 23.82 23.74
N LEU A 318 -13.65 24.46 24.23
CA LEU A 318 -13.52 25.59 25.17
C LEU A 318 -13.16 25.10 26.56
N GLU A 319 -13.45 23.81 26.86
CA GLU A 319 -13.20 23.28 28.17
C GLU A 319 -11.66 23.19 28.46
N PRO A 320 -10.78 22.61 27.59
CA PRO A 320 -9.33 22.81 27.81
C PRO A 320 -8.82 24.26 27.86
N VAL A 321 -9.44 25.18 27.12
CA VAL A 321 -9.14 26.60 27.27
C VAL A 321 -9.36 27.05 28.73
N GLU A 322 -10.55 26.76 29.30
CA GLU A 322 -10.85 27.15 30.67
C GLU A 322 -9.90 26.48 31.66
N LYS A 323 -9.50 25.22 31.39
CA LYS A 323 -8.60 24.49 32.29
C LYS A 323 -7.20 25.10 32.25
N ALA A 324 -6.68 25.43 31.04
CA ALA A 324 -5.37 26.07 30.88
C ALA A 324 -5.37 27.41 31.61
N LEU A 325 -6.48 28.17 31.53
CA LEU A 325 -6.55 29.45 32.30
C LEU A 325 -6.49 29.28 33.81
N ARG A 326 -7.26 28.29 34.33
CA ARG A 326 -7.35 27.96 35.77
C ARG A 326 -5.92 27.54 36.25
N ASP A 327 -5.25 26.65 35.49
CA ASP A 327 -3.88 26.21 35.82
C ASP A 327 -2.86 27.34 35.75
N ALA A 328 -2.97 28.24 34.75
CA ALA A 328 -2.11 29.44 34.66
C ALA A 328 -2.49 30.54 35.66
N LYS A 329 -3.65 30.40 36.33
CA LYS A 329 -4.21 31.33 37.31
C LYS A 329 -4.47 32.68 36.63
N LEU A 330 -5.00 32.61 35.40
CA LEU A 330 -5.36 33.76 34.60
C LEU A 330 -6.86 33.81 34.36
N ASP A 331 -7.39 35.02 34.38
CA ASP A 331 -8.71 35.34 33.84
C ASP A 331 -8.57 35.40 32.34
N LYS A 332 -9.62 35.02 31.60
CA LYS A 332 -9.59 35.08 30.13
C LYS A 332 -9.25 36.50 29.57
N GLY A 333 -9.61 37.55 30.30
CA GLY A 333 -9.28 38.93 29.94
C GLY A 333 -7.80 39.28 30.01
N GLN A 334 -6.98 38.43 30.68
CA GLN A 334 -5.54 38.61 30.77
C GLN A 334 -4.75 37.98 29.61
N ILE A 335 -5.44 37.39 28.61
CA ILE A 335 -4.78 36.88 27.40
C ILE A 335 -4.65 38.05 26.41
N GLN A 336 -3.40 38.37 25.99
CA GLN A 336 -3.09 39.42 25.03
C GLN A 336 -3.15 38.97 23.57
N GLU A 337 -2.83 37.70 23.32
CA GLU A 337 -2.77 37.20 21.96
C GLU A 337 -3.30 35.80 21.92
N ILE A 338 -4.17 35.48 20.93
CA ILE A 338 -4.67 34.12 20.70
C ILE A 338 -4.16 33.69 19.34
N VAL A 339 -3.53 32.51 19.25
CA VAL A 339 -2.90 31.98 18.04
C VAL A 339 -3.59 30.66 17.62
N LEU A 340 -4.08 30.62 16.38
CA LEU A 340 -4.67 29.41 15.79
C LEU A 340 -3.63 28.52 15.11
N VAL A 341 -3.61 27.23 15.49
CA VAL A 341 -2.65 26.25 14.91
C VAL A 341 -3.45 25.02 14.58
N GLY A 342 -3.06 24.30 13.53
CA GLY A 342 -3.74 23.09 13.10
C GLY A 342 -4.81 23.34 12.08
N GLY A 343 -4.92 22.41 11.09
CA GLY A 343 -5.88 22.54 9.99
C GLY A 343 -7.32 22.73 10.43
N SER A 344 -7.69 22.11 11.56
CA SER A 344 -9.08 22.20 12.06
C SER A 344 -9.50 23.59 12.56
N THR A 345 -8.55 24.51 12.83
CA THR A 345 -8.91 25.86 13.26
C THR A 345 -9.41 26.74 12.13
N ARG A 346 -9.36 26.23 10.90
CA ARG A 346 -10.01 26.89 9.75
C ARG A 346 -11.53 26.84 9.85
N ILE A 347 -12.10 25.91 10.68
CA ILE A 347 -13.57 25.69 10.70
C ILE A 347 -14.18 26.99 11.27
N PRO A 348 -15.02 27.73 10.51
CA PRO A 348 -15.60 28.98 11.05
C PRO A 348 -16.28 28.88 12.40
N LYS A 349 -17.02 27.75 12.65
CA LYS A 349 -17.74 27.60 13.91
C LYS A 349 -16.74 27.55 15.08
N ILE A 350 -15.60 26.85 14.92
CA ILE A 350 -14.56 26.84 15.97
C ILE A 350 -13.99 28.27 16.26
N GLN A 351 -13.67 29.02 15.18
CA GLN A 351 -13.21 30.42 15.31
C GLN A 351 -14.23 31.28 16.03
N LYS A 352 -15.52 31.15 15.66
CA LYS A 352 -16.60 31.91 16.32
C LYS A 352 -16.73 31.59 17.81
N LEU A 353 -16.79 30.27 18.18
CA LEU A 353 -16.87 29.89 19.61
C LEU A 353 -15.70 30.47 20.40
N LEU A 354 -14.48 30.39 19.86
CA LEU A 354 -13.27 30.86 20.52
C LEU A 354 -13.29 32.38 20.70
N GLN A 355 -13.61 33.08 19.62
CA GLN A 355 -13.72 34.54 19.62
C GLN A 355 -14.77 35.03 20.59
N ASP A 356 -16.00 34.44 20.58
CA ASP A 356 -17.04 34.78 21.56
C ASP A 356 -16.62 34.48 23.00
N PHE A 357 -15.95 33.32 23.22
CA PHE A 357 -15.40 33.01 24.54
C PHE A 357 -14.45 34.15 25.03
N PHE A 358 -13.62 34.68 24.12
CA PHE A 358 -12.70 35.77 24.42
C PHE A 358 -13.29 37.16 24.22
N ASN A 359 -14.64 37.27 24.27
CA ASN A 359 -15.38 38.54 24.24
C ASN A 359 -15.12 39.37 22.99
N GLY A 360 -15.02 38.71 21.84
CA GLY A 360 -14.88 39.41 20.55
C GLY A 360 -13.46 39.64 20.09
N LYS A 361 -12.46 39.27 20.92
CA LYS A 361 -11.04 39.45 20.62
C LYS A 361 -10.69 38.85 19.25
N GLU A 362 -9.95 39.61 18.42
CA GLU A 362 -9.46 39.09 17.12
C GLU A 362 -8.41 37.98 17.31
N LEU A 363 -8.38 37.03 16.39
CA LEU A 363 -7.52 35.85 16.47
C LEU A 363 -6.35 36.04 15.53
N ASN A 364 -5.14 35.58 15.93
CA ASN A 364 -4.03 35.53 14.97
C ASN A 364 -4.26 34.30 14.08
N LYS A 365 -4.55 34.53 12.79
CA LYS A 365 -4.97 33.46 11.89
C LYS A 365 -4.55 33.69 10.44
N SER A 366 -3.80 34.76 10.15
CA SER A 366 -3.33 35.09 8.81
C SER A 366 -2.30 34.10 8.27
N ILE A 367 -1.61 33.32 9.14
CA ILE A 367 -0.68 32.29 8.65
C ILE A 367 -1.45 30.97 8.54
N ASN A 368 -1.37 30.28 7.40
CA ASN A 368 -1.98 28.94 7.26
C ASN A 368 -1.73 28.17 8.58
N PRO A 369 -2.77 27.77 9.33
CA PRO A 369 -2.54 27.25 10.70
C PRO A 369 -1.79 25.91 10.74
N ASP A 370 -1.88 25.10 9.66
CA ASP A 370 -1.09 23.86 9.56
C ASP A 370 0.39 24.11 9.19
N GLU A 371 0.77 25.39 9.00
CA GLU A 371 2.15 25.76 8.60
C GLU A 371 2.86 26.64 9.61
N ALA A 372 2.11 27.21 10.55
CA ALA A 372 2.57 28.23 11.53
C ALA A 372 3.76 27.73 12.34
N VAL A 373 3.68 26.46 12.77
CA VAL A 373 4.76 25.86 13.56
C VAL A 373 6.07 25.75 12.73
N ALA A 374 6.02 25.17 11.52
CA ALA A 374 7.24 25.13 10.66
C ALA A 374 7.71 26.55 10.33
N TYR A 375 6.78 27.46 10.10
CA TYR A 375 7.07 28.89 9.82
C TYR A 375 7.93 29.49 10.97
N GLY A 376 7.47 29.34 12.23
CA GLY A 376 8.21 29.81 13.39
C GLY A 376 9.53 29.09 13.60
N ALA A 377 9.58 27.79 13.29
CA ALA A 377 10.83 27.02 13.44
C ALA A 377 11.86 27.53 12.42
N ALA A 378 11.42 27.89 11.19
CA ALA A 378 12.31 28.46 10.16
C ALA A 378 12.87 29.86 10.54
N VAL A 379 12.02 30.74 11.13
CA VAL A 379 12.47 32.01 11.69
C VAL A 379 13.57 31.74 12.76
N GLN A 380 13.28 30.82 13.71
CA GLN A 380 14.23 30.46 14.78
C GLN A 380 15.56 29.92 14.21
N ALA A 381 15.51 29.05 13.17
CA ALA A 381 16.72 28.54 12.53
C ALA A 381 17.57 29.69 11.98
N ALA A 382 16.93 30.68 11.30
CA ALA A 382 17.63 31.89 10.77
C ALA A 382 18.39 32.64 11.87
N ILE A 383 17.74 32.79 13.04
CA ILE A 383 18.32 33.49 14.18
C ILE A 383 19.55 32.77 14.65
N LEU A 384 19.44 31.44 14.83
CA LEU A 384 20.54 30.62 15.33
C LEU A 384 21.72 30.56 14.37
N ILE A 385 21.47 30.57 13.03
CA ILE A 385 22.61 30.50 12.10
C ILE A 385 23.19 31.92 11.84
N GLY A 386 22.39 32.95 12.07
CA GLY A 386 22.80 34.35 11.96
CA GLY B 6 -24.22 -8.14 -12.86
C GLY B 6 -23.92 -8.48 -11.41
N PRO B 7 -22.73 -8.13 -10.89
CA PRO B 7 -21.59 -7.44 -11.55
C PRO B 7 -20.91 -8.25 -12.66
N ALA B 8 -20.17 -7.55 -13.51
CA ALA B 8 -19.41 -8.20 -14.58
C ALA B 8 -18.03 -8.54 -14.07
N ILE B 9 -17.75 -9.83 -13.83
CA ILE B 9 -16.50 -10.30 -13.15
C ILE B 9 -15.61 -11.21 -14.04
N GLY B 10 -14.32 -10.91 -14.08
CA GLY B 10 -13.36 -11.76 -14.77
C GLY B 10 -12.39 -12.43 -13.81
N ILE B 11 -12.14 -13.72 -13.97
CA ILE B 11 -11.18 -14.44 -13.11
C ILE B 11 -10.12 -15.16 -13.96
N ASP B 12 -8.86 -14.74 -13.78
CA ASP B 12 -7.68 -15.45 -14.21
C ASP B 12 -7.37 -16.49 -13.10
N LEU B 13 -7.67 -17.77 -13.32
CA LEU B 13 -7.37 -18.83 -12.36
C LEU B 13 -6.01 -19.39 -12.74
N GLY B 14 -4.97 -18.87 -12.12
CA GLY B 14 -3.62 -19.16 -12.56
C GLY B 14 -3.02 -20.34 -11.83
N THR B 15 -1.96 -20.92 -12.38
CA THR B 15 -1.24 -22.06 -11.82
C THR B 15 -0.77 -21.75 -10.38
N THR B 16 -0.13 -20.59 -10.16
CA THR B 16 0.32 -20.26 -8.81
C THR B 16 -0.31 -18.99 -8.24
N TYR B 17 -0.77 -18.06 -9.07
CA TYR B 17 -1.48 -16.83 -8.68
C TYR B 17 -2.73 -16.67 -9.52
N SER B 18 -3.78 -16.11 -8.91
CA SER B 18 -5.02 -15.76 -9.56
C SER B 18 -5.28 -14.25 -9.43
N CYS B 19 -6.20 -13.72 -10.24
CA CYS B 19 -6.46 -12.29 -10.35
C CYS B 19 -7.94 -12.12 -10.69
N VAL B 20 -8.61 -11.13 -10.07
CA VAL B 20 -10.02 -10.91 -10.33
C VAL B 20 -10.24 -9.43 -10.72
N GLY B 21 -11.05 -9.21 -11.75
CA GLY B 21 -11.38 -7.87 -12.21
C GLY B 21 -12.87 -7.69 -12.34
N VAL B 22 -13.32 -6.44 -12.20
CA VAL B 22 -14.71 -6.05 -12.49
C VAL B 22 -14.72 -4.98 -13.60
N PHE B 23 -15.71 -5.04 -14.46
CA PHE B 23 -15.99 -4.01 -15.44
C PHE B 23 -17.16 -3.17 -14.94
N GLN B 24 -16.90 -1.87 -14.63
CA GLN B 24 -17.88 -0.88 -14.12
C GLN B 24 -17.58 0.46 -14.75
N HIS B 25 -18.65 1.25 -15.02
CA HIS B 25 -18.53 2.59 -15.64
C HIS B 25 -17.61 2.57 -16.86
N GLY B 26 -17.76 1.55 -17.70
CA GLY B 26 -17.05 1.47 -18.97
C GLY B 26 -15.58 1.08 -18.91
N LYS B 27 -15.02 0.79 -17.70
CA LYS B 27 -13.59 0.41 -17.52
C LYS B 27 -13.38 -0.78 -16.55
N VAL B 28 -12.20 -1.39 -16.60
CA VAL B 28 -11.86 -2.54 -15.74
C VAL B 28 -11.19 -2.01 -14.49
N GLU B 29 -11.63 -2.46 -13.34
CA GLU B 29 -10.88 -2.27 -12.10
C GLU B 29 -10.39 -3.64 -11.62
N ILE B 30 -9.09 -3.76 -11.49
CA ILE B 30 -8.51 -5.01 -10.95
C ILE B 30 -8.57 -4.92 -9.42
N ILE B 31 -8.96 -6.00 -8.73
CA ILE B 31 -9.33 -5.93 -7.33
C ILE B 31 -8.25 -6.45 -6.39
N ALA B 32 -7.78 -5.60 -5.46
CA ALA B 32 -6.85 -6.00 -4.42
C ALA B 32 -7.56 -6.83 -3.35
N ASN B 33 -6.83 -7.80 -2.82
CA ASN B 33 -7.36 -8.69 -1.80
C ASN B 33 -7.19 -8.05 -0.39
N ASP B 34 -7.50 -8.80 0.69
CA ASP B 34 -7.52 -8.18 2.04
C ASP B 34 -6.11 -7.73 2.53
N GLN B 35 -5.04 -8.27 1.92
CA GLN B 35 -3.66 -7.86 2.21
C GLN B 35 -3.18 -6.79 1.25
N GLY B 36 -4.08 -6.27 0.41
CA GLY B 36 -3.75 -5.26 -0.59
C GLY B 36 -3.06 -5.77 -1.85
N ASN B 37 -3.04 -7.08 -2.05
CA ASN B 37 -2.37 -7.67 -3.20
C ASN B 37 -3.36 -7.81 -4.35
N ARG B 38 -2.98 -7.29 -5.52
CA ARG B 38 -3.79 -7.32 -6.74
C ARG B 38 -3.81 -8.68 -7.42
N THR B 39 -2.88 -9.60 -6.99
CA THR B 39 -2.94 -11.03 -7.31
C THR B 39 -2.94 -11.83 -6.04
N THR B 40 -3.54 -13.03 -6.09
CA THR B 40 -3.74 -13.89 -4.91
C THR B 40 -3.13 -15.29 -5.16
N PRO B 41 -2.28 -15.85 -4.26
CA PRO B 41 -1.75 -17.22 -4.50
C PRO B 41 -2.86 -18.27 -4.71
N SER B 42 -2.73 -19.13 -5.76
CA SER B 42 -3.71 -20.21 -5.97
C SER B 42 -3.31 -21.37 -5.01
N TYR B 43 -3.33 -21.06 -3.69
CA TYR B 43 -2.83 -21.94 -2.65
C TYR B 43 -3.90 -22.25 -1.68
N VAL B 44 -3.96 -23.51 -1.24
CA VAL B 44 -4.92 -23.91 -0.18
C VAL B 44 -4.15 -24.73 0.84
N ALA B 45 -4.23 -24.34 2.11
CA ALA B 45 -3.49 -25.05 3.16
C ALA B 45 -4.47 -25.65 4.17
N PHE B 46 -4.18 -26.85 4.65
CA PHE B 46 -4.99 -27.52 5.65
C PHE B 46 -4.16 -27.65 6.91
N THR B 47 -4.71 -27.25 8.05
CA THR B 47 -3.96 -27.27 9.30
C THR B 47 -4.71 -28.13 10.31
N ASP B 48 -4.26 -28.16 11.57
CA ASP B 48 -5.01 -28.90 12.59
C ASP B 48 -6.41 -28.30 12.87
N THR B 49 -6.66 -27.03 12.49
CA THR B 49 -7.95 -26.41 12.82
C THR B 49 -8.70 -25.80 11.66
N GLU B 50 -8.01 -25.48 10.56
CA GLU B 50 -8.69 -24.68 9.53
C GLU B 50 -8.14 -24.87 8.14
N ARG B 51 -8.90 -24.41 7.13
CA ARG B 51 -8.36 -24.28 5.80
C ARG B 51 -8.05 -22.84 5.49
N LEU B 52 -6.84 -22.63 5.01
CA LEU B 52 -6.35 -21.29 4.63
C LEU B 52 -6.30 -21.22 3.13
N ILE B 53 -6.72 -20.09 2.53
CA ILE B 53 -6.68 -19.92 1.06
C ILE B 53 -5.97 -18.59 0.75
N GLY B 54 -5.15 -18.61 -0.30
CA GLY B 54 -4.58 -17.38 -0.85
C GLY B 54 -3.32 -16.98 -0.08
N ASP B 55 -3.19 -15.70 0.26
CA ASP B 55 -2.03 -15.18 1.00
C ASP B 55 -1.75 -15.93 2.30
N ALA B 56 -2.81 -16.20 3.11
CA ALA B 56 -2.66 -16.90 4.40
C ALA B 56 -2.05 -18.30 4.18
N ALA B 57 -2.49 -19.00 3.13
CA ALA B 57 -1.97 -20.32 2.76
C ALA B 57 -0.49 -20.21 2.28
N LYS B 58 -0.21 -19.38 1.27
CA LYS B 58 1.17 -19.20 0.83
C LYS B 58 2.12 -18.73 1.96
N ASN B 59 1.64 -17.89 2.88
CA ASN B 59 2.47 -17.36 3.95
C ASN B 59 2.96 -18.43 4.94
N GLN B 60 2.22 -19.56 5.12
CA GLN B 60 2.69 -20.65 6.00
C GLN B 60 3.22 -21.88 5.21
N VAL B 61 3.45 -21.77 3.88
CA VAL B 61 3.85 -22.92 3.04
C VAL B 61 5.14 -23.62 3.56
N ALA B 62 6.13 -22.81 4.07
CA ALA B 62 7.43 -23.32 4.56
C ALA B 62 7.21 -24.15 5.81
N MET B 63 6.24 -23.70 6.64
CA MET B 63 5.92 -24.37 7.90
C MET B 63 5.15 -25.66 7.68
N ASN B 64 4.33 -25.71 6.64
CA ASN B 64 3.36 -26.81 6.51
C ASN B 64 3.38 -27.37 5.06
N PRO B 65 4.56 -27.77 4.50
CA PRO B 65 4.62 -28.02 3.05
C PRO B 65 3.84 -29.24 2.55
N THR B 66 3.69 -30.26 3.37
CA THR B 66 2.98 -31.47 2.90
C THR B 66 1.45 -31.30 2.86
N ASN B 67 0.91 -30.22 3.50
CA ASN B 67 -0.54 -29.99 3.57
C ASN B 67 -0.96 -28.69 2.90
N THR B 68 -0.03 -28.08 2.13
CA THR B 68 -0.31 -26.86 1.38
C THR B 68 -0.26 -27.16 -0.11
N ILE B 69 -1.43 -27.09 -0.75
CA ILE B 69 -1.62 -27.39 -2.14
C ILE B 69 -1.41 -26.15 -3.00
N PHE B 70 -0.71 -26.31 -4.11
CA PHE B 70 -0.60 -25.34 -5.19
C PHE B 70 -0.51 -26.23 -6.45
N ASP B 71 -0.49 -25.60 -7.65
CA ASP B 71 -0.41 -26.35 -8.94
C ASP B 71 -1.55 -27.34 -9.19
N ALA B 72 -2.71 -27.17 -8.54
CA ALA B 72 -3.90 -28.00 -8.84
C ALA B 72 -4.28 -27.85 -10.30
N LYS B 73 -3.93 -26.69 -10.92
CA LYS B 73 -4.20 -26.44 -12.35
C LYS B 73 -3.46 -27.45 -13.27
N ARG B 74 -2.37 -28.06 -12.76
CA ARG B 74 -1.60 -29.03 -13.53
C ARG B 74 -2.27 -30.40 -13.46
N LEU B 75 -3.21 -30.60 -12.51
CA LEU B 75 -3.95 -31.87 -12.35
C LEU B 75 -5.34 -31.83 -12.91
N ILE B 76 -5.95 -30.63 -12.94
CA ILE B 76 -7.37 -30.47 -13.25
C ILE B 76 -7.71 -31.07 -14.63
N GLY B 77 -8.76 -31.92 -14.66
CA GLY B 77 -9.24 -32.53 -15.91
C GLY B 77 -8.37 -33.65 -16.45
N ARG B 78 -7.32 -34.05 -15.71
CA ARG B 78 -6.38 -35.08 -16.19
C ARG B 78 -6.66 -36.44 -15.49
N LYS B 79 -6.11 -37.54 -16.01
CA LYS B 79 -6.19 -38.86 -15.39
C LYS B 79 -4.94 -39.04 -14.55
N PHE B 80 -5.03 -39.81 -13.48
CA PHE B 80 -3.90 -40.06 -12.60
C PHE B 80 -2.71 -40.64 -13.35
N GLU B 81 -2.98 -41.53 -14.34
CA GLU B 81 -2.01 -42.22 -15.19
C GLU B 81 -1.32 -41.33 -16.25
N ASP B 82 -1.82 -40.10 -16.45
CA ASP B 82 -1.25 -39.23 -17.48
C ASP B 82 0.20 -38.99 -17.17
N ALA B 83 1.03 -39.02 -18.22
CA ALA B 83 2.48 -38.83 -18.13
C ALA B 83 2.86 -37.51 -17.41
N THR B 84 2.22 -36.38 -17.76
CA THR B 84 2.49 -35.08 -17.08
C THR B 84 2.18 -35.16 -15.55
N VAL B 85 1.09 -35.82 -15.16
CA VAL B 85 0.74 -36.03 -13.76
C VAL B 85 1.84 -36.86 -13.06
N GLN B 86 2.24 -37.99 -13.67
CA GLN B 86 3.25 -38.83 -13.05
C GLN B 86 4.61 -38.12 -12.92
N SER B 87 4.98 -37.34 -13.92
CA SER B 87 6.21 -36.53 -13.87
C SER B 87 6.14 -35.39 -12.80
N ASP B 88 5.06 -34.60 -12.81
CA ASP B 88 4.86 -33.48 -11.88
C ASP B 88 4.88 -33.92 -10.43
N MET B 89 4.32 -35.10 -10.12
CA MET B 89 4.20 -35.67 -8.77
C MET B 89 5.55 -35.77 -8.06
N LYS B 90 6.59 -36.16 -8.79
CA LYS B 90 7.96 -36.30 -8.28
C LYS B 90 8.53 -34.98 -7.69
N HIS B 91 7.95 -33.83 -8.07
CA HIS B 91 8.45 -32.54 -7.60
C HIS B 91 7.58 -31.88 -6.56
N TRP B 92 6.39 -32.44 -6.23
CA TRP B 92 5.55 -31.77 -5.24
C TRP B 92 5.83 -32.30 -3.83
N PRO B 93 5.76 -31.45 -2.79
CA PRO B 93 5.92 -31.96 -1.42
C PRO B 93 4.66 -32.63 -0.84
N PHE B 94 3.50 -32.43 -1.48
CA PHE B 94 2.24 -33.02 -1.04
C PHE B 94 2.00 -34.29 -1.86
N ARG B 95 1.23 -35.20 -1.30
CA ARG B 95 0.89 -36.48 -1.91
C ARG B 95 -0.29 -36.37 -2.92
N VAL B 96 -0.17 -37.13 -4.01
CA VAL B 96 -1.20 -37.21 -5.03
C VAL B 96 -1.55 -38.70 -5.10
N VAL B 97 -2.86 -38.99 -5.05
CA VAL B 97 -3.35 -40.38 -5.06
C VAL B 97 -4.39 -40.52 -6.16
N SER B 98 -4.87 -41.74 -6.38
CA SER B 98 -5.82 -42.04 -7.44
C SER B 98 -7.16 -42.51 -6.87
N GLU B 99 -8.25 -41.89 -7.34
CA GLU B 99 -9.61 -42.35 -7.06
C GLU B 99 -10.39 -42.46 -8.36
N GLY B 100 -10.82 -43.68 -8.67
CA GLY B 100 -11.48 -44.02 -9.92
C GLY B 100 -10.72 -43.58 -11.17
N GLY B 101 -9.39 -43.70 -11.11
CA GLY B 101 -8.45 -43.24 -12.14
C GLY B 101 -8.29 -41.73 -12.22
N LYS B 102 -8.88 -40.97 -11.28
CA LYS B 102 -8.68 -39.51 -11.22
C LYS B 102 -7.69 -39.13 -10.14
N PRO B 103 -6.85 -38.11 -10.37
CA PRO B 103 -5.90 -37.67 -9.34
C PRO B 103 -6.64 -36.89 -8.27
N LYS B 104 -6.19 -37.04 -7.03
CA LYS B 104 -6.64 -36.25 -5.89
C LYS B 104 -5.42 -35.91 -5.05
N VAL B 105 -5.43 -34.71 -4.45
CA VAL B 105 -4.39 -34.39 -3.48
C VAL B 105 -4.79 -35.03 -2.15
N GLN B 106 -3.80 -35.57 -1.41
CA GLN B 106 -4.06 -36.15 -0.09
C GLN B 106 -3.34 -35.33 0.97
N VAL B 107 -4.06 -34.93 2.04
CA VAL B 107 -3.53 -34.02 3.07
C VAL B 107 -3.99 -34.49 4.44
N GLU B 108 -3.35 -33.96 5.51
CA GLU B 108 -3.86 -34.12 6.87
C GLU B 108 -4.65 -32.83 7.18
N TYR B 109 -5.86 -32.99 7.72
CA TYR B 109 -6.76 -31.89 8.07
C TYR B 109 -7.51 -32.25 9.33
N LYS B 110 -7.43 -31.38 10.37
CA LYS B 110 -8.06 -31.67 11.69
C LYS B 110 -7.68 -33.08 12.20
N GLY B 111 -6.43 -33.48 11.95
CA GLY B 111 -5.85 -34.74 12.40
C GLY B 111 -6.30 -35.99 11.64
N GLU B 112 -6.96 -35.83 10.52
CA GLU B 112 -7.44 -36.98 9.73
C GLU B 112 -6.92 -36.84 8.28
N THR B 113 -6.87 -37.97 7.54
CA THR B 113 -6.51 -37.96 6.13
C THR B 113 -7.72 -37.60 5.29
N LYS B 114 -7.56 -36.60 4.40
CA LYS B 114 -8.58 -36.16 3.45
C LYS B 114 -8.02 -36.14 2.04
N THR B 115 -8.90 -36.40 1.09
CA THR B 115 -8.51 -36.27 -0.31
C THR B 115 -9.44 -35.30 -1.00
N PHE B 116 -8.90 -34.49 -1.94
CA PHE B 116 -9.64 -33.49 -2.71
C PHE B 116 -9.34 -33.64 -4.20
N PHE B 117 -10.36 -33.60 -5.04
CA PHE B 117 -10.18 -33.54 -6.48
C PHE B 117 -9.59 -32.17 -6.83
N PRO B 118 -8.85 -32.05 -7.96
CA PRO B 118 -8.29 -30.74 -8.35
C PRO B 118 -9.33 -29.63 -8.46
N GLU B 119 -10.53 -29.94 -8.95
CA GLU B 119 -11.63 -28.95 -9.07
C GLU B 119 -12.14 -28.54 -7.72
N GLU B 120 -12.02 -29.40 -6.67
CA GLU B 120 -12.34 -28.95 -5.32
C GLU B 120 -11.33 -27.96 -4.80
N ILE B 121 -10.03 -28.18 -5.02
CA ILE B 121 -9.00 -27.19 -4.61
C ILE B 121 -9.23 -25.88 -5.39
N SER B 122 -9.41 -25.99 -6.70
CA SER B 122 -9.63 -24.79 -7.53
C SER B 122 -10.93 -24.08 -7.16
N SER B 123 -11.99 -24.81 -6.80
CA SER B 123 -13.19 -24.15 -6.27
C SER B 123 -12.89 -23.32 -4.98
N MET B 124 -11.98 -23.80 -4.11
CA MET B 124 -11.65 -23.06 -2.87
C MET B 124 -10.94 -21.78 -3.23
N VAL B 125 -10.02 -21.86 -4.19
CA VAL B 125 -9.37 -20.68 -4.75
C VAL B 125 -10.41 -19.75 -5.38
N LEU B 126 -11.34 -20.28 -6.21
CA LEU B 126 -12.36 -19.41 -6.82
C LEU B 126 -13.27 -18.75 -5.80
N THR B 127 -13.63 -19.47 -4.71
CA THR B 127 -14.38 -18.89 -3.59
C THR B 127 -13.64 -17.69 -3.00
N LYS B 128 -12.32 -17.80 -2.78
CA LYS B 128 -11.54 -16.66 -2.28
C LYS B 128 -11.59 -15.50 -3.28
N MET B 129 -11.45 -15.78 -4.60
CA MET B 129 -11.53 -14.71 -5.60
C MET B 129 -12.90 -14.05 -5.58
N LYS B 130 -13.95 -14.86 -5.43
CA LYS B 130 -15.35 -14.41 -5.37
C LYS B 130 -15.50 -13.50 -4.15
N GLU B 131 -14.99 -13.91 -2.97
CA GLU B 131 -15.08 -13.11 -1.74
C GLU B 131 -14.29 -11.80 -1.86
N ILE B 132 -13.15 -11.83 -2.56
CA ILE B 132 -12.31 -10.62 -2.77
C ILE B 132 -13.17 -9.61 -3.57
N ALA B 133 -13.86 -10.09 -4.61
CA ALA B 133 -14.70 -9.19 -5.45
C ALA B 133 -15.89 -8.65 -4.66
N GLU B 134 -16.47 -9.48 -3.79
CA GLU B 134 -17.61 -9.11 -2.93
C GLU B 134 -17.22 -8.08 -1.87
N ALA B 135 -16.02 -8.23 -1.26
CA ALA B 135 -15.52 -7.18 -0.33
C ALA B 135 -15.40 -5.81 -1.05
N TYR B 136 -14.92 -5.84 -2.30
CA TYR B 136 -14.74 -4.63 -3.11
C TYR B 136 -16.06 -4.01 -3.54
N LEU B 137 -17.01 -4.85 -3.97
CA LEU B 137 -18.27 -4.33 -4.56
C LEU B 137 -19.38 -4.13 -3.55
N GLY B 138 -19.43 -4.97 -2.51
CA GLY B 138 -20.64 -5.08 -1.69
C GLY B 138 -21.55 -6.09 -2.35
N GLY B 139 -22.47 -6.68 -1.59
CA GLY B 139 -23.41 -7.67 -2.11
C GLY B 139 -22.77 -8.97 -2.58
N LYS B 140 -23.40 -9.61 -3.57
CA LYS B 140 -22.94 -10.91 -4.04
C LYS B 140 -22.52 -10.86 -5.48
N VAL B 141 -21.55 -11.69 -5.82
CA VAL B 141 -21.17 -11.92 -7.20
C VAL B 141 -21.88 -13.21 -7.63
N HIS B 142 -22.61 -13.18 -8.75
CA HIS B 142 -23.31 -14.34 -9.33
C HIS B 142 -22.54 -14.99 -10.48
N SER B 143 -21.86 -14.21 -11.33
CA SER B 143 -21.37 -14.72 -12.62
C SER B 143 -19.90 -14.36 -12.80
N ALA B 144 -19.19 -15.08 -13.66
CA ALA B 144 -17.81 -14.76 -14.00
C ALA B 144 -17.46 -15.39 -15.32
N VAL B 145 -16.58 -14.73 -16.06
CA VAL B 145 -15.80 -15.41 -17.10
C VAL B 145 -14.50 -15.94 -16.44
N ILE B 146 -14.15 -17.23 -16.69
CA ILE B 146 -12.93 -17.83 -16.18
C ILE B 146 -12.09 -18.25 -17.39
N THR B 147 -10.78 -18.03 -17.28
CA THR B 147 -9.85 -18.25 -18.35
C THR B 147 -9.10 -19.53 -18.11
N VAL B 148 -8.64 -20.16 -19.19
CA VAL B 148 -7.81 -21.39 -19.17
C VAL B 148 -6.75 -21.26 -20.24
N PRO B 149 -5.67 -22.05 -20.16
CA PRO B 149 -4.70 -22.10 -21.28
C PRO B 149 -5.32 -22.52 -22.62
N ALA B 150 -4.79 -21.97 -23.72
CA ALA B 150 -5.30 -22.24 -25.07
C ALA B 150 -5.21 -23.76 -25.38
N TYR B 151 -4.23 -24.44 -24.80
CA TYR B 151 -3.98 -25.87 -25.08
C TYR B 151 -4.85 -26.79 -24.18
N PHE B 152 -5.69 -26.23 -23.29
CA PHE B 152 -6.55 -27.08 -22.44
C PHE B 152 -7.56 -27.82 -23.33
N ASN B 153 -7.82 -29.07 -23.01
CA ASN B 153 -8.80 -29.87 -23.77
C ASN B 153 -10.16 -29.74 -23.10
N ASP B 154 -11.17 -30.45 -23.60
CA ASP B 154 -12.52 -30.25 -23.08
C ASP B 154 -12.68 -30.75 -21.68
N SER B 155 -11.95 -31.83 -21.33
CA SER B 155 -12.00 -32.37 -19.96
C SER B 155 -11.42 -31.34 -18.93
N GLN B 156 -10.30 -30.71 -19.28
CA GLN B 156 -9.70 -29.64 -18.46
C GLN B 156 -10.61 -28.40 -18.36
N ARG B 157 -11.27 -28.01 -19.47
CA ARG B 157 -12.22 -26.89 -19.50
C ARG B 157 -13.44 -27.17 -18.62
N GLN B 158 -14.03 -28.36 -18.77
CA GLN B 158 -15.19 -28.78 -18.00
C GLN B 158 -14.88 -28.88 -16.53
N ALA B 159 -13.71 -29.46 -16.15
CA ALA B 159 -13.30 -29.55 -14.73
C ALA B 159 -13.07 -28.17 -14.13
N THR B 160 -12.54 -27.23 -14.93
CA THR B 160 -12.44 -25.82 -14.51
C THR B 160 -13.83 -25.22 -14.27
N LYS B 161 -14.76 -25.46 -15.19
CA LYS B 161 -16.14 -25.01 -15.04
C LYS B 161 -16.76 -25.61 -13.79
N ASP B 162 -16.53 -26.92 -13.55
CA ASP B 162 -17.01 -27.59 -12.32
C ASP B 162 -16.52 -26.91 -11.07
N ALA B 163 -15.25 -26.46 -11.05
CA ALA B 163 -14.74 -25.66 -9.91
C ALA B 163 -15.58 -24.42 -9.69
N GLY B 164 -15.90 -23.71 -10.79
CA GLY B 164 -16.78 -22.53 -10.69
C GLY B 164 -18.17 -22.88 -10.18
N THR B 165 -18.72 -23.98 -10.63
CA THR B 165 -20.10 -24.27 -10.25
C THR B 165 -20.12 -24.81 -8.81
N ILE B 166 -19.10 -25.57 -8.36
CA ILE B 166 -19.00 -25.90 -6.90
C ILE B 166 -18.96 -24.62 -6.00
N THR B 167 -18.25 -23.59 -6.46
CA THR B 167 -18.13 -22.29 -5.80
C THR B 167 -19.49 -21.57 -5.75
N GLY B 168 -20.39 -21.92 -6.67
CA GLY B 168 -21.68 -21.27 -6.79
C GLY B 168 -21.55 -20.07 -7.70
N LEU B 169 -20.64 -20.12 -8.70
CA LEU B 169 -20.66 -19.16 -9.81
C LEU B 169 -21.37 -19.68 -11.05
N ASN B 170 -22.12 -18.80 -11.69
CA ASN B 170 -22.59 -19.03 -13.06
C ASN B 170 -21.39 -18.76 -13.99
N VAL B 171 -20.79 -19.79 -14.61
CA VAL B 171 -19.63 -19.60 -15.50
C VAL B 171 -20.19 -19.16 -16.86
N LEU B 172 -20.10 -17.87 -17.16
CA LEU B 172 -20.67 -17.30 -18.39
C LEU B 172 -19.99 -17.90 -19.62
N ARG B 173 -18.69 -18.14 -19.53
CA ARG B 173 -17.89 -18.73 -20.60
C ARG B 173 -16.52 -19.05 -20.05
N ILE B 174 -15.92 -20.11 -20.56
CA ILE B 174 -14.50 -20.42 -20.37
C ILE B 174 -13.82 -19.88 -21.62
N ILE B 175 -12.88 -18.97 -21.46
CA ILE B 175 -12.16 -18.40 -22.62
C ILE B 175 -10.69 -18.62 -22.46
N ASN B 176 -9.97 -18.63 -23.58
CA ASN B 176 -8.53 -18.80 -23.55
C ASN B 176 -7.84 -17.60 -22.97
N GLU B 177 -6.82 -17.87 -22.15
CA GLU B 177 -5.96 -16.87 -21.54
C GLU B 177 -5.38 -15.88 -22.58
N PRO B 178 -4.73 -16.36 -23.68
CA PRO B 178 -4.22 -15.40 -24.69
C PRO B 178 -5.32 -14.57 -25.33
N THR B 179 -6.52 -15.16 -25.52
CA THR B 179 -7.68 -14.45 -26.05
C THR B 179 -8.13 -13.32 -25.11
N ALA B 180 -8.21 -13.61 -23.79
CA ALA B 180 -8.54 -12.60 -22.79
C ALA B 180 -7.50 -11.45 -22.82
N ALA B 181 -6.21 -11.80 -22.92
CA ALA B 181 -5.15 -10.80 -23.04
C ALA B 181 -5.35 -9.94 -24.31
N ALA B 182 -5.71 -10.55 -25.46
CA ALA B 182 -5.96 -9.76 -26.67
C ALA B 182 -7.19 -8.84 -26.49
N ILE B 183 -8.25 -9.33 -25.81
CA ILE B 183 -9.45 -8.54 -25.51
C ILE B 183 -9.14 -7.31 -24.62
N ALA B 184 -8.30 -7.51 -23.58
CA ALA B 184 -7.82 -6.43 -22.71
C ALA B 184 -7.23 -5.27 -23.52
N TYR B 185 -6.44 -5.57 -24.56
CA TYR B 185 -5.86 -4.48 -25.40
C TYR B 185 -6.81 -4.00 -26.52
N GLY B 186 -8.06 -4.50 -26.54
CA GLY B 186 -9.02 -4.11 -27.57
C GLY B 186 -8.60 -4.52 -28.96
N LEU B 187 -7.85 -5.63 -29.10
CA LEU B 187 -7.30 -5.99 -30.41
C LEU B 187 -8.38 -6.51 -31.37
N ASP B 188 -9.48 -6.99 -30.83
CA ASP B 188 -10.64 -7.40 -31.62
C ASP B 188 -11.44 -6.22 -32.21
N LYS B 189 -11.31 -5.01 -31.63
CA LYS B 189 -11.96 -3.78 -32.12
C LYS B 189 -10.98 -2.84 -32.86
N LYS B 190 -9.66 -3.01 -32.64
CA LYS B 190 -8.61 -2.19 -33.25
C LYS B 190 -8.53 -2.47 -34.76
C GLY B 194 -9.70 -5.35 -41.13
N GLY B 195 -9.81 -6.47 -41.84
CA GLY B 195 -8.70 -7.39 -41.99
C GLY B 195 -8.50 -8.35 -40.84
N GLU B 196 -7.70 -9.37 -41.07
CA GLU B 196 -7.25 -10.34 -40.08
C GLU B 196 -5.96 -9.83 -39.43
N LYS B 197 -5.85 -9.98 -38.11
CA LYS B 197 -4.68 -9.61 -37.34
C LYS B 197 -4.06 -10.89 -36.81
N ASN B 198 -2.76 -11.06 -37.07
CA ASN B 198 -1.95 -12.08 -36.43
C ASN B 198 -1.39 -11.51 -35.14
N VAL B 199 -1.71 -12.16 -34.00
CA VAL B 199 -1.37 -11.71 -32.66
C VAL B 199 -0.52 -12.75 -31.96
N LEU B 200 0.63 -12.34 -31.46
CA LEU B 200 1.45 -13.21 -30.60
C LEU B 200 1.33 -12.78 -29.14
N ILE B 201 0.94 -13.72 -28.28
CA ILE B 201 0.90 -13.52 -26.83
C ILE B 201 2.13 -14.23 -26.24
N PHE B 202 2.93 -13.49 -25.52
CA PHE B 202 4.16 -14.00 -24.90
C PHE B 202 3.88 -13.94 -23.39
N ASP B 203 3.63 -15.09 -22.78
CA ASP B 203 3.12 -15.16 -21.42
C ASP B 203 4.11 -15.90 -20.57
N LEU B 204 4.90 -15.14 -19.80
CA LEU B 204 5.94 -15.69 -18.96
C LEU B 204 5.63 -15.38 -17.50
N GLY B 205 5.21 -16.42 -16.79
CA GLY B 205 4.72 -16.31 -15.41
C GLY B 205 5.77 -16.78 -14.45
N GLY B 206 5.33 -17.17 -13.26
CA GLY B 206 6.26 -17.59 -12.23
C GLY B 206 6.81 -19.00 -12.43
N GLY B 207 6.08 -19.88 -13.11
CA GLY B 207 6.57 -21.25 -13.33
C GLY B 207 6.08 -21.86 -14.65
N THR B 208 5.55 -21.01 -15.54
CA THR B 208 5.07 -21.43 -16.86
C THR B 208 5.40 -20.38 -17.92
N PHE B 209 5.67 -20.88 -19.14
CA PHE B 209 5.87 -20.01 -20.28
C PHE B 209 5.02 -20.49 -21.46
N ASP B 210 4.10 -19.65 -21.94
CA ASP B 210 3.17 -19.95 -23.02
C ASP B 210 3.31 -18.93 -24.13
N VAL B 211 3.60 -19.40 -25.34
CA VAL B 211 3.50 -18.53 -26.52
C VAL B 211 2.28 -19.00 -27.29
N SER B 212 1.40 -18.07 -27.67
CA SER B 212 0.24 -18.40 -28.49
C SER B 212 0.19 -17.45 -29.65
N ILE B 213 -0.07 -18.02 -30.83
CA ILE B 213 -0.38 -17.20 -31.99
C ILE B 213 -1.86 -17.29 -32.29
N LEU B 214 -2.53 -16.13 -32.36
CA LEU B 214 -3.97 -16.05 -32.68
C LEU B 214 -4.19 -15.24 -33.94
N THR B 215 -5.28 -15.52 -34.68
CA THR B 215 -5.79 -14.55 -35.65
C THR B 215 -7.08 -13.94 -35.11
N ILE B 216 -7.31 -12.67 -35.43
CA ILE B 216 -8.50 -11.94 -35.00
C ILE B 216 -9.04 -11.24 -36.21
N GLU B 217 -10.31 -11.48 -36.48
CA GLU B 217 -10.97 -10.92 -37.64
C GLU B 217 -12.42 -10.86 -37.36
N ASP B 218 -13.01 -9.69 -37.57
CA ASP B 218 -14.44 -9.43 -37.33
C ASP B 218 -14.87 -9.94 -35.94
N GLY B 219 -13.99 -9.73 -34.97
CA GLY B 219 -14.19 -10.11 -33.57
C GLY B 219 -14.14 -11.58 -33.25
N ILE B 220 -13.70 -12.43 -34.23
CA ILE B 220 -13.60 -13.89 -34.07
C ILE B 220 -12.11 -14.27 -33.85
N PHE B 221 -11.83 -15.04 -32.78
CA PHE B 221 -10.48 -15.52 -32.45
C PHE B 221 -10.29 -16.94 -32.90
N GLU B 222 -9.12 -17.26 -33.49
CA GLU B 222 -8.69 -18.62 -33.76
C GLU B 222 -7.24 -18.80 -33.26
N VAL B 223 -7.00 -19.85 -32.48
CA VAL B 223 -5.65 -20.25 -32.07
C VAL B 223 -4.98 -20.90 -33.28
N LYS B 224 -3.88 -20.31 -33.76
CA LYS B 224 -3.12 -20.85 -34.89
C LYS B 224 -2.00 -21.78 -34.44
N SER B 225 -1.40 -21.49 -33.27
CA SER B 225 -0.31 -22.34 -32.76
C SER B 225 -0.07 -22.03 -31.29
N THR B 226 0.47 -23.02 -30.57
CA THR B 226 0.90 -22.81 -29.20
C THR B 226 2.26 -23.44 -29.01
N ALA B 227 3.05 -22.86 -28.14
CA ALA B 227 4.39 -23.37 -27.83
C ALA B 227 4.78 -22.89 -26.44
N GLY B 228 5.88 -23.40 -25.93
CA GLY B 228 6.40 -22.91 -24.68
C GLY B 228 7.08 -23.96 -23.87
N ASP B 229 7.05 -23.78 -22.56
CA ASP B 229 7.72 -24.68 -21.60
C ASP B 229 6.89 -24.57 -20.32
N THR B 230 6.22 -25.67 -19.97
CA THR B 230 5.33 -25.74 -18.81
C THR B 230 6.08 -25.68 -17.47
N HIS B 231 7.44 -25.70 -17.50
CA HIS B 231 8.24 -25.64 -16.26
C HIS B 231 9.32 -24.57 -16.31
N LEU B 232 9.08 -23.45 -16.98
CA LEU B 232 10.02 -22.34 -16.98
C LEU B 232 9.26 -21.13 -16.53
N GLY B 233 9.83 -20.40 -15.57
CA GLY B 233 9.22 -19.14 -15.15
C GLY B 233 10.17 -18.33 -14.32
N GLY B 234 9.60 -17.31 -13.69
CA GLY B 234 10.31 -16.37 -12.81
C GLY B 234 11.07 -17.06 -11.71
N GLU B 235 10.51 -18.16 -11.16
CA GLU B 235 11.20 -18.95 -10.13
C GLU B 235 12.59 -19.47 -10.61
N ASP B 236 12.74 -19.77 -11.91
CA ASP B 236 14.05 -20.18 -12.48
C ASP B 236 15.09 -19.10 -12.41
N PHE B 237 14.66 -17.85 -12.67
CA PHE B 237 15.54 -16.67 -12.59
C PHE B 237 15.98 -16.45 -11.17
N ASP B 238 15.04 -16.59 -10.20
CA ASP B 238 15.32 -16.39 -8.77
C ASP B 238 16.36 -17.40 -8.30
N ASN B 239 16.19 -18.66 -8.75
CA ASN B 239 17.12 -19.76 -8.43
C ASN B 239 18.58 -19.45 -8.84
N ARG B 240 18.78 -18.87 -10.02
CA ARG B 240 20.12 -18.46 -10.46
C ARG B 240 20.71 -17.41 -9.52
N MET B 241 19.89 -16.42 -9.13
CA MET B 241 20.35 -15.42 -8.13
C MET B 241 20.65 -16.07 -6.78
N VAL B 242 19.85 -17.08 -6.36
CA VAL B 242 20.12 -17.80 -5.10
C VAL B 242 21.52 -18.43 -5.10
N SER B 243 21.87 -19.19 -6.15
CA SER B 243 23.17 -19.87 -6.24
C SER B 243 24.29 -18.86 -6.22
N HIS B 244 24.10 -17.73 -6.93
CA HIS B 244 25.12 -16.70 -7.00
C HIS B 244 25.39 -16.12 -5.58
N LEU B 245 24.33 -15.74 -4.88
CA LEU B 245 24.48 -15.06 -3.60
C LEU B 245 24.83 -16.03 -2.50
N ALA B 246 24.41 -17.31 -2.60
CA ALA B 246 24.88 -18.32 -1.61
C ALA B 246 26.43 -18.51 -1.70
N GLU B 247 26.98 -18.49 -2.94
CA GLU B 247 28.43 -18.59 -3.16
C GLU B 247 29.14 -17.34 -2.62
N GLU B 248 28.50 -16.17 -2.80
CA GLU B 248 29.07 -14.94 -2.26
C GLU B 248 29.16 -15.01 -0.75
N PHE B 249 28.06 -15.48 -0.10
CA PHE B 249 28.01 -15.61 1.35
C PHE B 249 29.09 -16.58 1.83
N LYS B 250 29.28 -17.69 1.11
CA LYS B 250 30.36 -18.65 1.41
C LYS B 250 31.75 -18.01 1.25
N ARG B 251 31.98 -17.28 0.15
CA ARG B 251 33.25 -16.57 -0.11
C ARG B 251 33.55 -15.53 1.01
N LYS B 252 32.53 -14.75 1.42
CA LYS B 252 32.68 -13.68 2.43
C LYS B 252 32.77 -14.18 3.90
N HIS B 253 32.03 -15.24 4.25
CA HIS B 253 31.96 -15.65 5.67
C HIS B 253 32.32 -17.11 5.92
N LYS B 254 32.78 -17.84 4.86
CA LYS B 254 33.26 -19.24 4.90
C LYS B 254 32.24 -20.16 5.57
N LYS B 255 30.94 -19.88 5.32
CA LYS B 255 29.80 -20.66 5.79
C LYS B 255 28.96 -21.05 4.55
N ASP B 256 28.69 -22.35 4.40
CA ASP B 256 27.93 -22.92 3.29
C ASP B 256 26.49 -23.15 3.79
N ILE B 257 25.53 -22.37 3.28
CA ILE B 257 24.11 -22.47 3.66
C ILE B 257 23.36 -23.60 2.94
N GLY B 258 24.00 -24.18 1.91
CA GLY B 258 23.40 -25.22 1.07
C GLY B 258 22.65 -26.32 1.80
N PRO B 259 23.26 -26.95 2.82
CA PRO B 259 22.53 -28.02 3.55
C PRO B 259 21.42 -27.51 4.49
N ASN B 260 21.23 -26.18 4.59
CA ASN B 260 20.28 -25.60 5.55
C ASN B 260 19.08 -25.03 4.79
N LYS B 261 17.97 -25.81 4.81
CA LYS B 261 16.82 -25.44 3.99
C LYS B 261 16.18 -24.10 4.41
N ARG B 262 16.16 -23.75 5.74
CA ARG B 262 15.66 -22.41 6.13
C ARG B 262 16.50 -21.24 5.55
N ALA B 263 17.83 -21.31 5.68
CA ALA B 263 18.73 -20.29 5.12
C ALA B 263 18.56 -20.17 3.60
N VAL B 264 18.43 -21.32 2.88
CA VAL B 264 18.21 -21.29 1.41
C VAL B 264 16.88 -20.59 1.07
N ARG B 265 15.83 -20.96 1.80
CA ARG B 265 14.51 -20.41 1.57
C ARG B 265 14.45 -18.88 1.83
N ARG B 266 15.06 -18.41 2.91
CA ARG B 266 15.14 -16.98 3.22
C ARG B 266 15.96 -16.25 2.17
N LEU B 267 17.07 -16.86 1.74
CA LEU B 267 17.82 -16.29 0.63
C LEU B 267 16.93 -16.21 -0.64
N ARG B 268 16.16 -17.27 -0.96
CA ARG B 268 15.27 -17.24 -2.12
C ARG B 268 14.22 -16.13 -2.04
N THR B 269 13.62 -15.93 -0.83
CA THR B 269 12.64 -14.86 -0.55
C THR B 269 13.24 -13.49 -0.89
N ALA B 270 14.44 -13.19 -0.35
CA ALA B 270 15.18 -11.96 -0.67
C ALA B 270 15.44 -11.84 -2.18
N CYS B 271 15.85 -12.93 -2.84
CA CYS B 271 16.12 -12.90 -4.29
C CYS B 271 14.88 -12.59 -5.11
N GLU B 272 13.73 -13.16 -4.72
CA GLU B 272 12.45 -12.90 -5.42
C GLU B 272 12.18 -11.38 -5.38
N ARG B 273 12.38 -10.77 -4.20
CA ARG B 273 12.10 -9.34 -4.01
C ARG B 273 13.10 -8.48 -4.80
N ALA B 274 14.40 -8.82 -4.72
CA ALA B 274 15.46 -8.15 -5.49
C ALA B 274 15.16 -8.18 -7.00
N LYS B 275 14.77 -9.37 -7.51
CA LYS B 275 14.46 -9.54 -8.93
C LYS B 275 13.37 -8.53 -9.36
N ARG B 276 12.30 -8.42 -8.57
CA ARG B 276 11.21 -7.46 -8.84
C ARG B 276 11.72 -6.01 -8.94
N THR B 277 12.58 -5.60 -8.02
CA THR B 277 13.22 -4.26 -7.97
C THR B 277 14.05 -4.04 -9.22
N LEU B 278 14.76 -5.08 -9.69
CA LEU B 278 15.65 -4.95 -10.84
C LEU B 278 14.91 -4.71 -12.15
N SER B 279 13.58 -4.90 -12.18
CA SER B 279 12.77 -4.57 -13.36
C SER B 279 12.51 -3.08 -13.45
N SER B 280 12.67 -2.35 -12.34
CA SER B 280 12.54 -0.88 -12.40
C SER B 280 13.80 -0.08 -11.95
N SER B 281 14.75 -0.70 -11.25
CA SER B 281 16.01 -0.04 -10.86
C SER B 281 17.18 -0.89 -11.35
N THR B 282 18.39 -0.34 -11.42
CA THR B 282 19.55 -1.07 -11.95
C THR B 282 20.33 -1.77 -10.82
N GLN B 283 19.88 -1.64 -9.57
CA GLN B 283 20.46 -2.33 -8.40
C GLN B 283 19.36 -2.59 -7.39
N ALA B 284 19.57 -3.58 -6.51
CA ALA B 284 18.64 -3.96 -5.43
C ALA B 284 19.47 -4.33 -4.21
N SER B 285 18.96 -4.04 -3.03
CA SER B 285 19.66 -4.33 -1.78
C SER B 285 19.01 -5.56 -1.09
N ILE B 286 19.85 -6.53 -0.66
CA ILE B 286 19.47 -7.73 0.13
C ILE B 286 19.78 -7.39 1.59
N GLU B 287 18.84 -7.66 2.50
CA GLU B 287 19.01 -7.27 3.89
C GLU B 287 18.50 -8.37 4.79
N ILE B 288 19.24 -9.50 4.88
CA ILE B 288 18.86 -10.60 5.75
C ILE B 288 19.57 -10.57 7.12
N ASP B 289 18.80 -10.43 8.20
CA ASP B 289 19.31 -10.57 9.56
C ASP B 289 19.50 -12.03 9.93
N SER B 290 20.64 -12.35 10.60
CA SER B 290 21.00 -13.70 11.06
C SER B 290 20.68 -14.77 9.99
N LEU B 291 21.31 -14.66 8.80
CA LEU B 291 21.16 -15.71 7.78
C LEU B 291 21.63 -17.07 8.28
N TYR B 292 22.80 -17.12 8.93
CA TYR B 292 23.41 -18.39 9.26
C TYR B 292 24.38 -18.15 10.38
N GLU B 293 24.18 -18.88 11.48
CA GLU B 293 24.99 -18.82 12.69
C GLU B 293 25.11 -17.40 13.24
N GLY B 294 23.98 -16.68 13.28
CA GLY B 294 23.90 -15.30 13.72
C GLY B 294 24.58 -14.27 12.84
N VAL B 295 25.07 -14.67 11.63
CA VAL B 295 25.76 -13.79 10.67
C VAL B 295 24.74 -13.17 9.71
N ASP B 296 24.70 -11.82 9.67
CA ASP B 296 23.83 -11.06 8.77
C ASP B 296 24.31 -11.19 7.33
N PHE B 297 23.39 -11.14 6.35
CA PHE B 297 23.78 -11.05 4.95
C PHE B 297 23.14 -9.81 4.33
N TYR B 298 23.91 -8.71 4.31
CA TYR B 298 23.52 -7.48 3.63
C TYR B 298 24.41 -7.34 2.41
N THR B 299 23.81 -7.16 1.25
CA THR B 299 24.55 -7.05 0.01
C THR B 299 23.69 -6.36 -1.04
N SER B 300 24.27 -6.12 -2.19
CA SER B 300 23.53 -5.56 -3.33
C SER B 300 23.90 -6.30 -4.61
N ILE B 301 22.98 -6.30 -5.55
CA ILE B 301 23.11 -6.99 -6.84
C ILE B 301 22.68 -6.00 -7.94
N THR B 302 23.39 -5.98 -9.06
CA THR B 302 23.04 -5.08 -10.16
C THR B 302 22.11 -5.81 -11.13
N ARG B 303 21.40 -5.04 -11.98
CA ARG B 303 20.63 -5.57 -13.10
C ARG B 303 21.55 -6.35 -14.08
N ALA B 304 22.75 -5.81 -14.40
CA ALA B 304 23.67 -6.46 -15.33
C ALA B 304 24.10 -7.85 -14.83
N ARG B 305 24.39 -7.97 -13.53
CA ARG B 305 24.73 -9.26 -12.91
C ARG B 305 23.55 -10.22 -13.08
N PHE B 306 22.34 -9.76 -12.71
CA PHE B 306 21.11 -10.60 -12.79
C PHE B 306 20.90 -11.11 -14.22
N GLU B 307 21.10 -10.23 -15.22
CA GLU B 307 20.95 -10.59 -16.63
C GLU B 307 21.99 -11.65 -17.06
N GLU B 308 23.23 -11.50 -16.59
CA GLU B 308 24.31 -12.42 -16.91
C GLU B 308 24.05 -13.82 -16.36
N LEU B 309 23.56 -13.91 -15.11
CA LEU B 309 23.30 -15.19 -14.43
C LEU B 309 22.13 -15.95 -15.15
N ASN B 310 21.34 -15.23 -15.94
CA ASN B 310 20.17 -15.77 -16.63
C ASN B 310 20.26 -15.69 -18.18
N ALA B 311 21.48 -15.61 -18.70
CA ALA B 311 21.66 -15.30 -20.14
C ALA B 311 21.00 -16.36 -21.04
N ASP B 312 21.20 -17.63 -20.72
CA ASP B 312 20.56 -18.77 -21.43
C ASP B 312 19.04 -18.76 -21.29
N LEU B 313 18.54 -18.58 -20.04
CA LEU B 313 17.11 -18.64 -19.77
C LEU B 313 16.33 -17.53 -20.52
N PHE B 314 16.87 -16.31 -20.54
CA PHE B 314 16.22 -15.15 -21.18
C PHE B 314 16.24 -15.31 -22.71
N ARG B 315 17.43 -15.59 -23.29
CA ARG B 315 17.53 -15.74 -24.75
C ARG B 315 16.75 -16.96 -25.23
N GLY B 316 16.73 -18.00 -24.41
CA GLY B 316 16.00 -19.23 -24.69
C GLY B 316 14.50 -19.06 -24.88
N THR B 317 13.88 -17.95 -24.36
CA THR B 317 12.44 -17.69 -24.56
C THR B 317 12.12 -17.43 -26.04
N LEU B 318 13.12 -17.13 -26.87
CA LEU B 318 12.84 -16.85 -28.27
C LEU B 318 12.60 -18.12 -29.08
N GLU B 319 13.08 -19.27 -28.58
CA GLU B 319 12.93 -20.54 -29.30
C GLU B 319 11.45 -21.00 -29.38
N PRO B 320 10.65 -21.02 -28.28
CA PRO B 320 9.19 -21.21 -28.45
C PRO B 320 8.49 -20.18 -29.36
N VAL B 321 8.97 -18.92 -29.39
CA VAL B 321 8.44 -17.93 -30.34
C VAL B 321 8.68 -18.40 -31.82
N GLU B 322 9.92 -18.75 -32.14
CA GLU B 322 10.26 -19.28 -33.45
C GLU B 322 9.47 -20.54 -33.77
N LYS B 323 9.20 -21.39 -32.76
CA LYS B 323 8.47 -22.63 -32.98
C LYS B 323 6.98 -22.39 -33.26
N ALA B 324 6.35 -21.47 -32.47
CA ALA B 324 4.96 -21.07 -32.71
C ALA B 324 4.83 -20.45 -34.13
N LEU B 325 5.84 -19.67 -34.56
CA LEU B 325 5.82 -19.11 -35.94
C LEU B 325 5.84 -20.17 -37.03
N ARG B 326 6.74 -21.15 -36.86
CA ARG B 326 6.94 -22.26 -37.81
C ARG B 326 5.62 -23.06 -37.87
N ASP B 327 5.02 -23.41 -36.67
CA ASP B 327 3.74 -24.14 -36.59
C ASP B 327 2.57 -23.37 -37.21
N ALA B 328 2.52 -22.05 -36.99
CA ALA B 328 1.48 -21.20 -37.61
C ALA B 328 1.73 -20.93 -39.09
N LYS B 329 2.93 -21.32 -39.58
CA LYS B 329 3.46 -21.12 -40.93
C LYS B 329 3.47 -19.60 -41.23
N LEU B 330 3.94 -18.82 -40.25
CA LEU B 330 4.10 -17.39 -40.36
C LEU B 330 5.56 -16.97 -40.29
N ASP B 331 5.91 -15.94 -41.06
CA ASP B 331 7.17 -15.23 -40.89
C ASP B 331 6.97 -14.24 -39.73
N LYS B 332 8.06 -13.90 -38.98
CA LYS B 332 7.91 -12.97 -37.85
C LYS B 332 7.36 -11.59 -38.27
N GLY B 333 7.66 -11.17 -39.51
CA GLY B 333 7.14 -9.93 -40.10
C GLY B 333 5.63 -9.90 -40.28
N GLN B 334 4.98 -11.06 -40.25
CA GLN B 334 3.53 -11.17 -40.38
C GLN B 334 2.76 -11.02 -39.07
N ILE B 335 3.44 -10.83 -37.90
CA ILE B 335 2.76 -10.57 -36.61
C ILE B 335 2.42 -9.10 -36.54
N GLN B 336 1.11 -8.76 -36.36
CA GLN B 336 0.66 -7.36 -36.28
C GLN B 336 0.72 -6.82 -34.87
N GLU B 337 0.56 -7.69 -33.85
CA GLU B 337 0.51 -7.29 -32.45
C GLU B 337 1.24 -8.29 -31.57
N ILE B 338 2.08 -7.79 -30.64
CA ILE B 338 2.72 -8.64 -29.63
C ILE B 338 2.22 -8.19 -28.28
N VAL B 339 1.79 -9.15 -27.43
CA VAL B 339 1.16 -8.88 -26.15
C VAL B 339 1.99 -9.56 -25.06
N LEU B 340 2.42 -8.77 -24.08
CA LEU B 340 3.14 -9.26 -22.90
C LEU B 340 2.20 -9.66 -21.76
N VAL B 341 2.33 -10.90 -21.25
CA VAL B 341 1.50 -11.42 -20.16
C VAL B 341 2.45 -12.07 -19.17
N GLY B 342 2.14 -11.99 -17.87
CA GLY B 342 2.92 -12.62 -16.83
C GLY B 342 3.91 -11.64 -16.23
N GLY B 343 4.11 -11.73 -14.91
CA GLY B 343 4.96 -10.78 -14.18
C GLY B 343 6.39 -10.74 -14.69
N SER B 344 6.91 -11.89 -15.19
CA SER B 344 8.30 -11.94 -15.69
C SER B 344 8.54 -11.11 -16.99
N THR B 345 7.49 -10.69 -17.69
CA THR B 345 7.68 -9.88 -18.91
C THR B 345 7.99 -8.43 -18.59
N ARG B 346 7.99 -8.07 -17.30
CA ARG B 346 8.45 -6.76 -16.86
C ARG B 346 9.97 -6.66 -16.96
N ILE B 347 10.67 -7.82 -17.00
CA ILE B 347 12.14 -7.83 -17.00
C ILE B 347 12.61 -7.10 -18.28
N PRO B 348 13.35 -5.99 -18.14
CA PRO B 348 13.80 -5.23 -19.34
C PRO B 348 14.57 -6.06 -20.38
N LYS B 349 15.49 -6.96 -19.94
CA LYS B 349 16.24 -7.78 -20.90
C LYS B 349 15.29 -8.64 -21.73
N ILE B 350 14.24 -9.22 -21.11
CA ILE B 350 13.24 -10.02 -21.86
C ILE B 350 12.50 -9.17 -22.94
N GLN B 351 12.05 -7.95 -22.55
CA GLN B 351 11.42 -7.02 -23.48
C GLN B 351 12.34 -6.67 -24.62
N LYS B 352 13.63 -6.39 -24.33
CA LYS B 352 14.62 -6.03 -25.36
C LYS B 352 14.83 -7.18 -26.34
N LEU B 353 15.00 -8.41 -25.83
CA LEU B 353 15.22 -9.58 -26.70
C LEU B 353 14.04 -9.81 -27.63
N LEU B 354 12.84 -9.64 -27.10
CA LEU B 354 11.61 -9.90 -27.86
C LEU B 354 11.46 -8.83 -28.93
N GLN B 355 11.61 -7.58 -28.50
CA GLN B 355 11.58 -6.42 -29.38
C GLN B 355 12.62 -6.49 -30.50
N ASP B 356 13.92 -6.80 -30.21
CA ASP B 356 14.95 -6.93 -31.27
C ASP B 356 14.65 -8.08 -32.22
N PHE B 357 14.12 -9.20 -31.69
CA PHE B 357 13.69 -10.34 -32.52
C PHE B 357 12.61 -9.90 -33.53
N PHE B 358 11.68 -9.06 -33.09
CA PHE B 358 10.62 -8.53 -33.94
C PHE B 358 11.02 -7.22 -34.63
N ASN B 359 12.34 -7.05 -34.89
CA ASN B 359 12.89 -5.96 -35.70
C ASN B 359 12.52 -4.57 -35.17
N GLY B 360 12.49 -4.43 -33.84
CA GLY B 360 12.15 -3.16 -33.20
C GLY B 360 10.68 -2.86 -32.96
N LYS B 361 9.77 -3.77 -33.39
CA LYS B 361 8.32 -3.58 -33.17
C LYS B 361 7.98 -3.25 -31.70
N GLU B 362 7.14 -2.23 -31.48
CA GLU B 362 6.66 -1.87 -30.11
C GLU B 362 5.77 -2.96 -29.55
N LEU B 363 5.82 -3.15 -28.20
CA LEU B 363 5.13 -4.26 -27.52
C LEU B 363 3.89 -3.73 -26.81
N ASN B 364 2.78 -4.51 -26.81
CA ASN B 364 1.62 -4.16 -25.98
C ASN B 364 1.99 -4.53 -24.54
N LYS B 365 2.19 -3.51 -23.69
CA LYS B 365 2.69 -3.71 -22.31
C LYS B 365 2.18 -2.67 -21.30
N SER B 366 1.25 -1.77 -21.71
CA SER B 366 0.71 -0.74 -20.83
C SER B 366 -0.21 -1.30 -19.73
N ILE B 367 -0.75 -2.53 -19.89
CA ILE B 367 -1.54 -3.16 -18.80
C ILE B 367 -0.60 -4.00 -17.95
N ASN B 368 -0.67 -3.88 -16.62
CA ASN B 368 0.08 -4.75 -15.72
C ASN B 368 0.03 -6.18 -16.26
N PRO B 369 1.17 -6.79 -16.62
CA PRO B 369 1.09 -8.07 -17.38
C PRO B 369 0.53 -9.24 -16.58
N ASP B 370 0.68 -9.22 -15.23
CA ASP B 370 0.06 -10.23 -14.35
C ASP B 370 -1.47 -9.99 -14.15
N GLU B 371 -2.01 -8.90 -14.74
CA GLU B 371 -3.45 -8.56 -14.63
C GLU B 371 -4.21 -8.58 -15.96
N ALA B 372 -3.49 -8.67 -17.07
CA ALA B 372 -4.06 -8.55 -18.44
C ALA B 372 -5.14 -9.61 -18.73
N VAL B 373 -4.90 -10.84 -18.28
CA VAL B 373 -5.86 -11.92 -18.49
C VAL B 373 -7.16 -11.66 -17.69
N ALA B 374 -7.07 -11.33 -16.39
CA ALA B 374 -8.31 -11.04 -15.64
C ALA B 374 -9.01 -9.83 -16.22
N TYR B 375 -8.23 -8.85 -16.71
CA TYR B 375 -8.74 -7.59 -17.34
C TYR B 375 -9.61 -7.93 -18.56
N GLY B 376 -9.07 -8.73 -19.48
CA GLY B 376 -9.82 -9.21 -20.63
C GLY B 376 -11.04 -10.07 -20.32
N ALA B 377 -10.92 -10.97 -19.32
CA ALA B 377 -12.05 -11.79 -18.86
C ALA B 377 -13.21 -10.90 -18.32
N ALA B 378 -12.87 -9.81 -17.59
CA ALA B 378 -13.87 -8.86 -17.09
C ALA B 378 -14.58 -8.07 -18.24
N VAL B 379 -13.83 -7.63 -19.27
CA VAL B 379 -14.44 -7.04 -20.48
C VAL B 379 -15.42 -8.03 -21.15
N GLN B 380 -14.98 -9.29 -21.35
CA GLN B 380 -15.81 -10.36 -21.91
C GLN B 380 -17.06 -10.58 -21.06
N ALA B 381 -16.94 -10.57 -19.72
CA ALA B 381 -18.10 -10.79 -18.85
C ALA B 381 -19.16 -9.70 -19.07
N ALA B 382 -18.72 -8.42 -19.16
CA ALA B 382 -19.60 -7.27 -19.45
C ALA B 382 -20.35 -7.44 -20.76
N ILE B 383 -19.65 -7.91 -21.79
CA ILE B 383 -20.25 -8.19 -23.09
C ILE B 383 -21.36 -9.23 -22.95
N LEU B 384 -21.06 -10.33 -22.27
CA LEU B 384 -22.01 -11.42 -22.11
C LEU B 384 -23.21 -11.07 -21.24
N ILE B 385 -23.04 -10.24 -20.20
CA ILE B 385 -24.20 -9.86 -19.39
C ILE B 385 -24.97 -8.70 -20.07
N GLY B 386 -24.27 -7.89 -20.86
CA GLY B 386 -24.82 -6.90 -21.80
C GLY B 386 -25.68 -5.83 -21.12
#